data_5B0S
#
_entry.id   5B0S
#
_cell.length_a   145.545
_cell.length_b   145.545
_cell.length_c   105.744
_cell.angle_alpha   90.00
_cell.angle_beta   90.00
_cell.angle_gamma   120.00
#
_symmetry.space_group_name_H-M   'P 31 2 1'
#
loop_
_entity.id
_entity.type
_entity.pdbx_description
1 polymer 'Lin0857 protein'
2 branched beta-D-mannopyranose-(1-2)-beta-D-mannopyranose-(1-2)-alpha-D-mannopyranose
3 non-polymer 'SULFATE ION'
4 non-polymer '2-(N-MORPHOLINO)-ETHANESULFONIC ACID'
5 non-polymer GLYCEROL
6 water water
#
_entity_poly.entity_id   1
_entity_poly.type   'polypeptide(L)'
_entity_poly.pdbx_seq_one_letter_code
;MNIYRYEENPLITPLDVKPIHEGFEVIGAFNGGVAEYNGEVLLLLRVAEKPVSEDPEIVLAPVYNAKNKELELQSFRLDD
ENYDFEDPRMIRSKAKLEGFSYLTSLSYIRIARSKDGHHFTLDEKPFLYPFNEYQTFGIEDARVTQIGDTYHVNFSAVSE
FGVADALVTTKDFENLEYQGNIFAPENKDVLIFPEKINGKYYALHRPSLKSIGNLDIWIASSPDLRSFGDHRHLLGIRPG
EYDSGRVGGGCVPIKTEEGWLILYHGATEENRYVMGAALLDLNDPTIVLKRTKTPILEPVADYEKNGFFGDVVFACGAIQ
EGDTLHMYYGVADTSMAGCDMKISEILHQLEVEAKLEHHHHHH
;
_entity_poly.pdbx_strand_id   A,B
#
loop_
_chem_comp.id
_chem_comp.type
_chem_comp.name
_chem_comp.formula
BMA D-saccharide, beta linking beta-D-mannopyranose 'C6 H12 O6'
GOL non-polymer GLYCEROL 'C3 H8 O3'
MAN D-saccharide, alpha linking alpha-D-mannopyranose 'C6 H12 O6'
MES non-polymer '2-(N-MORPHOLINO)-ETHANESULFONIC ACID' 'C6 H13 N O4 S'
SO4 non-polymer 'SULFATE ION' 'O4 S -2'
#
# COMPACT_ATOMS: atom_id res chain seq x y z
N MET A 1 32.32 -11.53 13.96
CA MET A 1 32.35 -10.09 14.32
C MET A 1 32.35 -10.14 15.84
N ASN A 2 32.68 -9.09 16.56
CA ASN A 2 32.41 -9.11 18.02
C ASN A 2 30.88 -9.11 18.20
N ILE A 3 30.25 -10.30 18.30
CA ILE A 3 28.86 -10.37 18.92
C ILE A 3 28.79 -10.78 20.44
N TYR A 4 28.56 -9.78 21.28
CA TYR A 4 28.46 -9.96 22.73
C TYR A 4 26.98 -10.17 23.05
N ARG A 5 26.53 -11.42 23.01
CA ARG A 5 25.21 -11.76 23.46
C ARG A 5 25.28 -11.69 24.99
N TYR A 6 24.37 -10.93 25.56
CA TYR A 6 24.32 -10.71 27.01
C TYR A 6 24.17 -11.98 27.76
N GLU A 7 24.87 -12.12 28.89
CA GLU A 7 24.77 -13.29 29.78
C GLU A 7 23.34 -13.60 30.30
N GLU A 8 22.56 -12.56 30.46
CA GLU A 8 21.21 -12.64 30.91
C GLU A 8 20.18 -13.03 29.80
N ASN A 9 20.60 -13.14 28.55
CA ASN A 9 19.69 -13.46 27.50
C ASN A 9 19.05 -14.84 27.81
N PRO A 10 17.74 -15.04 27.59
CA PRO A 10 16.82 -14.03 27.10
C PRO A 10 16.46 -13.01 28.20
N LEU A 11 16.53 -11.72 27.95
CA LEU A 11 16.26 -10.73 28.97
C LEU A 11 14.88 -10.70 29.53
N ILE A 12 13.86 -10.84 28.66
CA ILE A 12 12.44 -10.80 29.08
C ILE A 12 11.78 -11.95 28.30
N THR A 13 11.08 -12.85 28.97
CA THR A 13 10.40 -13.98 28.34
C THR A 13 8.92 -13.92 28.74
N PRO A 14 8.05 -14.74 28.12
CA PRO A 14 6.62 -14.77 28.53
C PRO A 14 6.41 -15.06 30.03
N LEU A 15 7.31 -15.85 30.62
CA LEU A 15 7.33 -16.10 32.10
C LEU A 15 7.38 -14.82 32.93
N ASP A 16 7.92 -13.75 32.38
CA ASP A 16 8.09 -12.52 33.13
C ASP A 16 6.87 -11.64 33.09
N VAL A 17 5.85 -12.02 32.34
CA VAL A 17 4.78 -11.07 32.02
C VAL A 17 3.47 -11.79 32.27
N LYS A 18 2.64 -11.20 33.11
CA LYS A 18 1.31 -11.72 33.35
C LYS A 18 0.31 -11.23 32.31
N PRO A 19 -0.59 -12.14 31.85
CA PRO A 19 -1.59 -11.79 30.85
C PRO A 19 -2.54 -10.77 31.41
N ILE A 20 -2.96 -9.81 30.63
CA ILE A 20 -4.00 -8.90 31.03
C ILE A 20 -5.43 -9.38 30.61
N HIS A 21 -5.56 -10.39 29.74
CA HIS A 21 -6.89 -10.84 29.38
C HIS A 21 -7.09 -12.13 30.15
N GLU A 22 -8.18 -12.22 30.87
CA GLU A 22 -8.49 -13.41 31.63
C GLU A 22 -8.61 -14.62 30.76
N GLY A 23 -7.97 -15.71 31.18
CA GLY A 23 -7.90 -16.99 30.39
C GLY A 23 -7.17 -16.92 29.02
N PHE A 24 -6.19 -16.02 28.97
CA PHE A 24 -5.26 -15.93 27.83
C PHE A 24 -3.91 -16.31 28.39
N GLU A 25 -3.05 -16.82 27.55
CA GLU A 25 -1.64 -16.91 27.89
C GLU A 25 -0.77 -15.96 27.06
N VAL A 26 0.27 -15.49 27.72
CA VAL A 26 1.24 -14.67 27.09
C VAL A 26 2.12 -15.61 26.28
N ILE A 27 2.13 -15.50 24.97
CA ILE A 27 2.98 -16.35 24.13
C ILE A 27 4.22 -15.62 23.64
N GLY A 28 4.30 -14.31 23.86
CA GLY A 28 5.50 -13.62 23.44
C GLY A 28 5.64 -12.25 24.03
N ALA A 29 6.90 -11.91 24.33
CA ALA A 29 7.23 -10.56 24.68
C ALA A 29 8.47 -10.24 23.86
N PHE A 30 8.28 -9.46 22.79
CA PHE A 30 9.24 -9.47 21.70
C PHE A 30 9.23 -8.27 20.88
N ASN A 31 10.10 -8.23 19.87
CA ASN A 31 10.11 -7.14 18.85
C ASN A 31 9.98 -5.73 19.44
N GLY A 32 10.74 -5.51 20.50
CA GLY A 32 10.60 -4.25 21.29
C GLY A 32 11.26 -3.04 20.65
N GLY A 33 10.52 -1.93 20.50
CA GLY A 33 11.11 -0.59 20.15
C GLY A 33 12.10 -0.18 21.28
N VAL A 34 13.06 0.66 20.96
CA VAL A 34 14.16 1.01 21.87
C VAL A 34 14.28 2.52 21.93
N ALA A 35 14.20 3.03 23.16
CA ALA A 35 14.46 4.46 23.44
C ALA A 35 15.32 4.65 24.72
N GLU A 36 15.96 5.85 24.84
CA GLU A 36 16.57 6.31 26.10
C GLU A 36 15.66 7.41 26.62
N TYR A 37 15.23 7.32 27.86
CA TYR A 37 14.41 8.35 28.43
C TYR A 37 14.69 8.46 29.91
N ASN A 38 14.91 9.69 30.37
CA ASN A 38 15.21 9.95 31.79
C ASN A 38 16.29 9.02 32.43
N GLY A 39 17.38 8.78 31.74
CA GLY A 39 18.49 7.97 32.25
C GLY A 39 18.27 6.48 32.19
N GLU A 40 17.17 6.02 31.55
CA GLU A 40 16.93 4.58 31.39
C GLU A 40 16.76 4.14 29.89
N VAL A 41 17.09 2.89 29.62
CA VAL A 41 16.67 2.16 28.38
C VAL A 41 15.18 1.73 28.51
N LEU A 42 14.34 2.13 27.54
CA LEU A 42 12.98 1.68 27.42
C LEU A 42 12.88 0.72 26.27
N LEU A 43 12.31 -0.46 26.56
CA LEU A 43 11.91 -1.40 25.51
C LEU A 43 10.40 -1.32 25.42
N LEU A 44 9.89 -1.02 24.23
CA LEU A 44 8.44 -0.98 24.01
C LEU A 44 8.06 -2.38 23.49
N LEU A 45 7.83 -3.30 24.42
CA LEU A 45 7.59 -4.69 24.17
C LEU A 45 6.32 -4.93 23.43
N ARG A 46 6.41 -5.84 22.47
CA ARG A 46 5.19 -6.42 21.87
C ARG A 46 4.83 -7.64 22.72
N VAL A 47 3.69 -7.55 23.39
CA VAL A 47 3.21 -8.64 24.18
C VAL A 47 2.03 -9.24 23.43
N ALA A 48 2.16 -10.49 23.10
CA ALA A 48 1.14 -11.24 22.36
C ALA A 48 0.42 -12.19 23.30
N GLU A 49 -0.91 -12.09 23.32
CA GLU A 49 -1.73 -12.98 24.15
C GLU A 49 -2.64 -13.83 23.29
N LYS A 50 -2.66 -15.11 23.61
CA LYS A 50 -3.41 -16.07 22.93
C LYS A 50 -4.52 -16.59 23.87
N PRO A 51 -5.73 -16.70 23.38
CA PRO A 51 -6.82 -17.25 24.15
C PRO A 51 -6.71 -18.74 24.07
N VAL A 52 -6.85 -19.37 25.24
CA VAL A 52 -6.75 -20.82 25.50
C VAL A 52 -8.12 -21.46 25.41
N SER A 53 -8.24 -22.53 24.66
CA SER A 53 -9.45 -23.36 24.60
C SER A 53 -9.09 -24.68 25.37
N GLU A 54 -9.96 -25.20 26.22
CA GLU A 54 -9.69 -26.51 26.86
C GLU A 54 -9.96 -27.69 25.91
N ASP A 55 -10.68 -27.45 24.80
CA ASP A 55 -10.84 -28.47 23.79
C ASP A 55 -9.75 -28.34 22.71
N PRO A 56 -8.92 -29.37 22.54
CA PRO A 56 -7.83 -29.31 21.58
C PRO A 56 -8.27 -29.41 20.16
N GLU A 57 -9.52 -29.70 19.91
CA GLU A 57 -10.04 -29.70 18.56
C GLU A 57 -10.41 -28.30 18.05
N ILE A 58 -10.39 -27.34 18.96
CA ILE A 58 -10.88 -25.97 18.72
C ILE A 58 -9.73 -24.98 18.92
N VAL A 59 -9.69 -23.91 18.14
CA VAL A 59 -8.80 -22.79 18.42
C VAL A 59 -9.60 -21.53 18.30
N LEU A 60 -9.09 -20.49 18.97
CA LEU A 60 -9.79 -19.21 19.08
C LEU A 60 -8.91 -18.10 18.57
N ALA A 61 -9.52 -17.15 17.87
CA ALA A 61 -8.85 -15.92 17.46
C ALA A 61 -9.43 -14.75 18.24
N PRO A 62 -8.56 -13.93 18.84
CA PRO A 62 -8.98 -12.77 19.62
C PRO A 62 -9.06 -11.55 18.72
N VAL A 63 -10.22 -10.92 18.73
CA VAL A 63 -10.51 -9.75 17.93
C VAL A 63 -11.01 -8.66 18.86
N TYR A 64 -10.33 -7.52 18.83
CA TYR A 64 -10.77 -6.37 19.58
C TYR A 64 -11.87 -5.65 18.81
N ASN A 65 -13.04 -5.53 19.42
CA ASN A 65 -14.17 -4.98 18.69
C ASN A 65 -14.14 -3.49 19.02
N ALA A 66 -13.94 -2.64 18.01
CA ALA A 66 -13.72 -1.19 18.25
C ALA A 66 -15.01 -0.46 18.64
N LYS A 67 -16.12 -0.94 18.12
CA LYS A 67 -17.45 -0.37 18.41
C LYS A 67 -17.97 -0.56 19.84
N ASN A 68 -17.56 -1.63 20.56
CA ASN A 68 -17.93 -1.89 21.97
C ASN A 68 -16.77 -1.94 22.87
N LYS A 69 -15.62 -1.74 22.28
CA LYS A 69 -14.42 -1.73 23.05
C LYS A 69 -14.18 -2.93 23.93
N GLU A 70 -14.48 -4.12 23.40
CA GLU A 70 -14.11 -5.39 24.07
C GLU A 70 -13.62 -6.50 23.15
N LEU A 71 -12.92 -7.45 23.73
CA LEU A 71 -12.47 -8.64 23.08
C LEU A 71 -13.61 -9.61 22.77
N GLU A 72 -13.80 -9.92 21.50
CA GLU A 72 -14.58 -11.08 21.05
C GLU A 72 -13.62 -12.18 20.55
N LEU A 73 -14.11 -13.40 20.57
CA LEU A 73 -13.31 -14.58 20.22
C LEU A 73 -14.04 -15.29 19.10
N GLN A 74 -13.33 -15.62 18.05
CA GLN A 74 -13.90 -16.37 16.94
C GLN A 74 -13.39 -17.82 17.09
N SER A 75 -14.21 -18.88 16.99
CA SER A 75 -13.77 -20.24 17.17
C SER A 75 -13.66 -20.89 15.83
N PHE A 76 -12.78 -21.87 15.75
CA PHE A 76 -12.59 -22.66 14.56
C PHE A 76 -12.30 -24.06 15.01
N ARG A 77 -12.71 -25.02 14.20
CA ARG A 77 -12.25 -26.41 14.39
C ARG A 77 -10.97 -26.59 13.62
N LEU A 78 -10.00 -27.21 14.23
CA LEU A 78 -8.80 -27.53 13.53
C LEU A 78 -9.04 -28.41 12.35
N ASP A 79 -10.09 -29.21 12.33
CA ASP A 79 -10.35 -30.02 11.12
C ASP A 79 -11.21 -29.35 10.07
N ASP A 80 -11.44 -28.04 10.18
CA ASP A 80 -12.24 -27.33 9.27
C ASP A 80 -11.49 -27.35 7.98
N GLU A 81 -12.14 -27.89 6.97
CA GLU A 81 -11.48 -28.19 5.74
C GLU A 81 -11.23 -26.94 4.91
N ASN A 82 -11.91 -25.83 5.22
CA ASN A 82 -11.64 -24.55 4.58
C ASN A 82 -10.46 -23.75 5.13
N TYR A 83 -9.86 -24.17 6.22
CA TYR A 83 -8.83 -23.35 6.87
C TYR A 83 -7.57 -24.14 7.04
N ASP A 84 -6.42 -23.42 7.14
CA ASP A 84 -5.13 -24.01 7.37
C ASP A 84 -4.56 -23.42 8.65
N PHE A 85 -4.12 -24.31 9.52
CA PHE A 85 -3.54 -23.96 10.79
C PHE A 85 -2.07 -24.32 10.92
N GLU A 86 -1.39 -24.53 9.79
CA GLU A 86 -0.03 -25.02 9.83
C GLU A 86 0.95 -23.91 10.19
N ASP A 87 0.59 -22.63 10.01
CA ASP A 87 1.42 -21.58 10.50
C ASP A 87 0.89 -21.11 11.86
N PRO A 88 1.68 -21.23 12.97
CA PRO A 88 1.16 -21.01 14.30
C PRO A 88 0.74 -19.55 14.57
N ARG A 89 1.11 -18.64 13.69
CA ARG A 89 0.84 -17.23 13.85
C ARG A 89 -0.52 -16.82 13.30
N MET A 90 -1.15 -17.67 12.49
CA MET A 90 -2.29 -17.19 11.68
C MET A 90 -3.25 -18.32 11.43
N ILE A 91 -4.49 -17.94 11.17
CA ILE A 91 -5.54 -18.78 10.65
C ILE A 91 -5.90 -18.27 9.25
N ARG A 92 -5.62 -19.10 8.28
CA ARG A 92 -5.62 -18.78 6.89
C ARG A 92 -6.68 -19.61 6.17
N SER A 93 -7.29 -19.01 5.17
CA SER A 93 -8.16 -19.71 4.24
C SER A 93 -7.28 -20.53 3.31
N LYS A 94 -7.66 -21.80 3.08
CA LYS A 94 -6.97 -22.62 2.13
C LYS A 94 -6.95 -21.96 0.77
N ALA A 95 -7.98 -21.23 0.39
CA ALA A 95 -7.98 -20.52 -0.86
C ALA A 95 -7.13 -19.21 -0.81
N LYS A 96 -6.39 -18.91 0.26
CA LYS A 96 -5.68 -17.63 0.34
C LYS A 96 -4.55 -17.75 1.29
N LEU A 97 -3.65 -18.67 0.94
CA LEU A 97 -2.53 -19.03 1.79
C LEU A 97 -1.47 -17.95 1.77
N GLU A 98 -1.55 -17.06 0.79
CA GLU A 98 -0.73 -15.85 0.80
C GLU A 98 -1.16 -14.85 1.89
N GLY A 99 -2.29 -15.08 2.60
CA GLY A 99 -2.72 -14.05 3.57
C GLY A 99 -3.16 -14.68 4.85
N PHE A 100 -4.13 -14.06 5.51
CA PHE A 100 -4.73 -14.63 6.71
C PHE A 100 -6.14 -14.02 6.92
N SER A 101 -6.98 -14.80 7.58
CA SER A 101 -8.31 -14.40 7.99
C SER A 101 -8.23 -13.85 9.41
N TYR A 102 -7.41 -14.46 10.22
CA TYR A 102 -7.23 -14.08 11.60
C TYR A 102 -5.82 -14.38 12.08
N LEU A 103 -5.42 -13.73 13.16
CA LEU A 103 -4.23 -14.10 13.89
C LEU A 103 -4.61 -14.96 15.03
N THR A 104 -3.64 -15.66 15.54
CA THR A 104 -3.81 -16.59 16.70
C THR A 104 -3.60 -15.91 18.06
N SER A 105 -3.17 -14.66 18.04
CA SER A 105 -2.96 -13.90 19.21
C SER A 105 -3.21 -12.45 18.96
N LEU A 106 -3.37 -11.72 20.06
CA LEU A 106 -3.55 -10.29 19.97
C LEU A 106 -2.45 -9.59 20.75
N SER A 107 -1.88 -8.58 20.12
CA SER A 107 -0.70 -7.90 20.65
C SER A 107 -1.01 -6.47 21.07
N TYR A 108 -0.31 -6.07 22.13
CA TYR A 108 -0.31 -4.70 22.57
C TYR A 108 1.15 -4.37 22.98
N ILE A 109 1.39 -3.09 23.24
CA ILE A 109 2.70 -2.62 23.63
C ILE A 109 2.74 -2.38 25.16
N ARG A 110 3.83 -2.83 25.80
CA ARG A 110 4.08 -2.63 27.22
C ARG A 110 5.57 -2.29 27.42
N ILE A 111 5.83 -1.19 28.13
CA ILE A 111 7.21 -0.67 28.36
C ILE A 111 7.93 -1.42 29.50
N ALA A 112 9.19 -1.79 29.28
CA ALA A 112 10.07 -2.20 30.35
C ALA A 112 11.21 -1.21 30.30
N ARG A 113 11.76 -0.98 31.48
CA ARG A 113 12.88 -0.09 31.71
C ARG A 113 14.09 -0.70 32.45
N SER A 114 15.27 -0.20 32.08
CA SER A 114 16.53 -0.60 32.65
C SER A 114 17.47 0.57 32.84
N LYS A 115 18.18 0.53 33.97
CA LYS A 115 19.33 1.42 34.27
C LYS A 115 20.61 0.94 33.68
N ASP A 116 20.91 -0.34 33.84
CA ASP A 116 22.14 -0.91 33.29
C ASP A 116 22.10 -1.47 31.80
N GLY A 117 20.93 -1.49 31.15
CA GLY A 117 20.77 -2.06 29.82
C GLY A 117 20.63 -3.59 29.71
N HIS A 118 20.82 -4.28 30.82
CA HIS A 118 20.72 -5.72 30.97
C HIS A 118 19.56 -6.24 31.83
N HIS A 119 19.21 -5.55 32.93
CA HIS A 119 18.15 -5.97 33.85
C HIS A 119 16.98 -5.02 33.69
N PHE A 120 15.80 -5.56 33.47
CA PHE A 120 14.67 -4.75 33.06
C PHE A 120 13.54 -4.98 34.06
N THR A 121 12.73 -3.98 34.25
CA THR A 121 11.52 -3.97 35.05
C THR A 121 10.37 -3.46 34.19
N LEU A 122 9.24 -4.15 34.24
CA LEU A 122 8.07 -3.77 33.42
C LEU A 122 7.34 -2.66 34.05
N ASP A 123 6.85 -1.72 33.26
CA ASP A 123 5.90 -0.79 33.76
C ASP A 123 4.64 -1.56 34.14
N GLU A 124 3.84 -0.93 34.99
CA GLU A 124 2.74 -1.65 35.59
C GLU A 124 1.68 -1.99 34.57
N LYS A 125 1.41 -1.05 33.70
CA LYS A 125 0.29 -1.14 32.78
C LYS A 125 0.75 -1.13 31.34
N PRO A 126 -0.16 -1.53 30.42
CA PRO A 126 0.14 -1.42 28.99
C PRO A 126 0.42 0.02 28.61
N PHE A 127 1.14 0.20 27.53
CA PHE A 127 1.45 1.50 27.01
C PHE A 127 0.52 1.90 25.92
N LEU A 128 0.33 0.98 24.96
CA LEU A 128 -0.64 1.16 23.85
C LEU A 128 -1.38 -0.13 23.67
N TYR A 129 -2.70 -0.01 23.58
CA TYR A 129 -3.61 -1.11 23.49
C TYR A 129 -4.54 -0.72 22.42
N PRO A 130 -4.89 -1.66 21.54
CA PRO A 130 -5.83 -1.32 20.46
C PRO A 130 -6.95 -0.36 20.88
N PHE A 131 -7.05 0.75 20.15
CA PHE A 131 -7.99 1.83 20.47
C PHE A 131 -8.81 2.31 19.26
N ASN A 132 -8.82 1.62 18.13
CA ASN A 132 -9.65 2.02 17.00
C ASN A 132 -9.79 0.87 16.01
N GLU A 133 -10.52 1.11 14.95
CA GLU A 133 -10.94 0.13 14.00
C GLU A 133 -9.75 -0.38 13.08
N TYR A 134 -8.60 0.30 13.14
CA TYR A 134 -7.37 -0.18 12.42
C TYR A 134 -6.52 -1.13 13.21
N GLN A 135 -6.97 -1.44 14.45
CA GLN A 135 -6.17 -2.13 15.44
C GLN A 135 -6.80 -3.36 16.06
N THR A 136 -7.80 -3.90 15.42
CA THR A 136 -8.67 -4.91 16.02
C THR A 136 -8.00 -6.24 16.15
N PHE A 137 -6.97 -6.49 15.34
CA PHE A 137 -6.19 -7.69 15.50
C PHE A 137 -4.89 -7.44 16.29
N GLY A 138 -4.70 -6.21 16.70
CA GLY A 138 -3.57 -5.82 17.51
C GLY A 138 -2.73 -4.62 17.05
N ILE A 139 -1.82 -4.23 17.95
CA ILE A 139 -0.79 -3.23 17.69
C ILE A 139 0.51 -4.01 17.88
N GLU A 140 1.40 -3.90 16.90
CA GLU A 140 2.62 -4.73 16.90
C GLU A 140 3.90 -3.92 16.59
N ASP A 141 5.03 -4.41 17.11
CA ASP A 141 6.32 -4.02 16.58
C ASP A 141 6.55 -2.51 16.56
N ALA A 142 6.42 -1.88 17.72
CA ALA A 142 6.61 -0.41 17.85
C ALA A 142 8.08 -0.05 17.58
N ARG A 143 8.34 0.91 16.70
CA ARG A 143 9.65 1.49 16.46
C ARG A 143 9.64 2.86 17.10
N VAL A 144 10.78 3.29 17.63
CA VAL A 144 10.90 4.63 18.25
C VAL A 144 12.04 5.42 17.66
N THR A 145 11.68 6.55 17.05
CA THR A 145 12.66 7.53 16.57
C THR A 145 12.52 8.82 17.34
N GLN A 146 13.62 9.14 18.02
CA GLN A 146 13.68 10.33 18.86
C GLN A 146 14.29 11.47 18.04
N ILE A 147 13.58 12.55 17.85
CA ILE A 147 14.07 13.78 17.19
C ILE A 147 13.90 14.93 18.18
N GLY A 148 15.04 15.47 18.64
CA GLY A 148 15.04 16.44 19.75
C GLY A 148 14.43 15.81 21.00
N ASP A 149 13.42 16.49 21.54
CA ASP A 149 12.66 16.01 22.69
C ASP A 149 11.48 15.12 22.32
N THR A 150 11.20 14.96 21.02
CA THR A 150 9.98 14.23 20.60
C THR A 150 10.32 12.76 20.21
N TYR A 151 9.65 11.86 20.88
CA TYR A 151 9.64 10.44 20.49
C TYR A 151 8.51 10.12 19.49
N HIS A 152 8.91 9.54 18.37
CA HIS A 152 8.00 9.09 17.33
C HIS A 152 7.87 7.59 17.52
N VAL A 153 6.68 7.17 17.94
CA VAL A 153 6.36 5.79 18.15
C VAL A 153 5.45 5.30 17.02
N ASN A 154 5.99 4.45 16.14
CA ASN A 154 5.16 3.96 15.04
C ASN A 154 5.10 2.43 14.94
N PHE A 155 3.94 1.92 14.55
CA PHE A 155 3.66 0.51 14.82
C PHE A 155 2.75 -0.06 13.77
N SER A 156 2.76 -1.38 13.63
CA SER A 156 1.80 -2.04 12.76
C SER A 156 0.42 -1.95 13.48
N ALA A 157 -0.59 -1.62 12.68
CA ALA A 157 -1.99 -1.58 13.06
C ALA A 157 -2.73 -2.54 12.19
N VAL A 158 -3.13 -3.66 12.75
CA VAL A 158 -3.68 -4.74 12.04
C VAL A 158 -5.21 -4.88 12.31
N SER A 159 -5.94 -5.04 11.21
CA SER A 159 -7.40 -5.15 11.27
C SER A 159 -7.91 -5.84 10.02
N GLU A 160 -9.21 -5.98 9.98
CA GLU A 160 -9.90 -6.49 8.80
C GLU A 160 -9.76 -5.51 7.62
N PHE A 161 -9.42 -4.22 7.84
CA PHE A 161 -9.08 -3.31 6.78
C PHE A 161 -7.68 -3.45 6.10
N GLY A 162 -6.79 -4.19 6.76
CA GLY A 162 -5.42 -4.30 6.32
C GLY A 162 -4.44 -4.07 7.41
N VAL A 163 -3.18 -4.26 7.04
CA VAL A 163 -2.06 -4.03 7.93
C VAL A 163 -1.49 -2.66 7.51
N ALA A 164 -1.75 -1.66 8.35
CA ALA A 164 -1.26 -0.31 8.22
C ALA A 164 -0.20 0.04 9.29
N ASP A 165 0.46 1.19 9.07
CA ASP A 165 1.47 1.72 9.99
C ASP A 165 1.00 3.11 10.53
N ALA A 166 0.96 3.20 11.83
CA ALA A 166 0.37 4.33 12.52
C ALA A 166 1.36 4.94 13.50
N LEU A 167 1.17 6.21 13.83
CA LEU A 167 2.11 6.98 14.63
C LEU A 167 1.47 7.65 15.86
N VAL A 168 2.13 7.50 17.01
CA VAL A 168 1.82 8.23 18.24
C VAL A 168 3.08 9.06 18.57
N THR A 169 2.91 10.36 18.84
CA THR A 169 4.09 11.14 19.37
C THR A 169 3.97 11.46 20.85
N THR A 170 5.14 11.59 21.53
CA THR A 170 5.18 11.89 23.00
C THR A 170 6.53 12.48 23.37
N LYS A 171 6.56 13.28 24.41
CA LYS A 171 7.80 13.82 25.01
C LYS A 171 8.18 13.12 26.31
N ASP A 172 7.26 12.36 26.88
CA ASP A 172 7.49 11.78 28.17
C ASP A 172 6.96 10.35 28.36
N PHE A 173 6.38 9.74 27.29
CA PHE A 173 5.75 8.40 27.36
C PHE A 173 4.52 8.34 28.27
N GLU A 174 3.93 9.48 28.51
CA GLU A 174 2.76 9.59 29.34
C GLU A 174 1.70 10.36 28.61
N ASN A 175 2.00 11.53 28.09
CA ASN A 175 1.03 12.20 27.18
C ASN A 175 1.33 11.87 25.78
N LEU A 176 0.38 11.18 25.17
CA LEU A 176 0.49 10.66 23.81
C LEU A 176 -0.40 11.41 22.87
N GLU A 177 0.11 11.70 21.69
CA GLU A 177 -0.71 12.31 20.66
C GLU A 177 -0.82 11.32 19.46
N TYR A 178 -2.04 11.03 19.02
CA TYR A 178 -2.28 10.12 17.92
C TYR A 178 -2.23 10.84 16.61
N GLN A 179 -1.46 10.30 15.64
CA GLN A 179 -1.21 11.02 14.38
C GLN A 179 -1.74 10.34 13.16
N GLY A 180 -2.45 9.25 13.42
CA GLY A 180 -3.12 8.56 12.37
C GLY A 180 -2.25 7.50 11.71
N ASN A 181 -2.80 6.88 10.70
CA ASN A 181 -2.05 5.95 9.83
C ASN A 181 -1.20 6.71 8.89
N ILE A 182 0.10 6.70 9.15
CA ILE A 182 1.09 7.44 8.32
C ILE A 182 1.43 6.69 7.03
N PHE A 183 1.26 5.37 7.04
CA PHE A 183 1.33 4.56 5.82
C PHE A 183 0.03 3.76 5.67
N ALA A 184 -0.52 3.84 4.47
CA ALA A 184 -1.64 3.02 4.11
C ALA A 184 -1.29 1.50 4.14
N PRO A 185 -2.30 0.66 4.38
CA PRO A 185 -2.09 -0.74 4.18
C PRO A 185 -1.75 -1.01 2.67
N GLU A 186 -0.98 -2.06 2.36
CA GLU A 186 -0.39 -2.99 3.30
C GLU A 186 1.07 -2.59 3.55
N ASN A 187 1.39 -2.26 4.78
CA ASN A 187 2.72 -1.76 5.06
C ASN A 187 3.06 -2.01 6.52
N LYS A 188 4.36 -2.13 6.77
CA LYS A 188 4.91 -2.27 8.12
C LYS A 188 6.42 -2.02 8.08
N ASP A 189 7.12 -2.22 9.18
CA ASP A 189 8.60 -2.01 9.23
C ASP A 189 8.98 -0.60 8.77
N VAL A 190 8.26 0.37 9.31
CA VAL A 190 8.48 1.79 9.02
C VAL A 190 9.46 2.28 10.04
N LEU A 191 10.55 2.84 9.55
CA LEU A 191 11.63 3.45 10.36
C LEU A 191 11.87 4.89 9.94
N ILE A 192 11.54 5.78 10.83
CA ILE A 192 11.71 7.22 10.62
C ILE A 192 13.20 7.55 10.82
N PHE A 193 13.79 8.28 9.87
CA PHE A 193 15.17 8.71 10.02
C PHE A 193 15.23 9.77 11.16
N PRO A 194 16.33 9.76 11.93
CA PRO A 194 16.39 10.58 13.14
C PRO A 194 16.74 12.10 12.92
N GLU A 195 16.81 12.56 11.68
CA GLU A 195 17.03 13.98 11.38
C GLU A 195 16.33 14.36 10.13
N LYS A 196 16.10 15.65 10.01
CA LYS A 196 15.75 16.25 8.76
C LYS A 196 17.00 16.23 7.82
N ILE A 197 16.89 15.80 6.58
CA ILE A 197 18.04 15.52 5.70
C ILE A 197 17.87 16.41 4.49
N ASN A 198 18.67 17.49 4.43
CA ASN A 198 18.55 18.46 3.32
C ASN A 198 17.15 18.89 3.06
N GLY A 199 16.51 19.31 4.13
CA GLY A 199 15.22 19.90 4.04
C GLY A 199 13.99 19.00 4.10
N LYS A 200 14.16 17.68 4.14
CA LYS A 200 13.02 16.73 4.25
C LYS A 200 13.21 15.67 5.34
N TYR A 201 12.13 15.19 5.94
CA TYR A 201 12.23 13.98 6.75
C TYR A 201 12.11 12.77 5.80
N TYR A 202 12.63 11.64 6.24
CA TYR A 202 12.50 10.42 5.51
C TYR A 202 12.04 9.28 6.44
N ALA A 203 11.47 8.23 5.82
CA ALA A 203 11.21 6.99 6.49
C ALA A 203 11.37 5.83 5.53
N LEU A 204 12.02 4.78 6.03
CA LEU A 204 11.96 3.46 5.43
C LEU A 204 10.56 2.89 5.59
N HIS A 205 10.12 2.13 4.59
CA HIS A 205 8.88 1.37 4.72
C HIS A 205 8.97 0.11 3.89
N ARG A 206 7.88 -0.65 3.83
CA ARG A 206 7.87 -1.96 3.26
C ARG A 206 6.53 -2.39 2.74
N PRO A 207 6.15 -1.90 1.58
CA PRO A 207 4.89 -2.39 1.02
C PRO A 207 4.79 -3.87 0.77
N SER A 208 3.65 -4.50 1.10
CA SER A 208 3.34 -5.87 0.68
C SER A 208 2.35 -5.78 -0.42
N LEU A 209 2.63 -6.51 -1.49
CA LEU A 209 2.00 -6.33 -2.76
C LEU A 209 1.23 -7.58 -3.13
N LYS A 210 -0.03 -7.42 -3.50
CA LYS A 210 -0.86 -8.52 -3.93
C LYS A 210 -0.52 -8.96 -5.36
N SER A 211 -0.41 -8.02 -6.28
CA SER A 211 -0.43 -8.37 -7.68
C SER A 211 0.92 -8.67 -8.26
N ILE A 212 1.84 -7.75 -8.02
CA ILE A 212 3.20 -7.89 -8.57
C ILE A 212 4.10 -7.07 -7.67
N GLY A 213 5.32 -7.53 -7.50
CA GLY A 213 6.33 -6.83 -6.68
C GLY A 213 6.68 -7.75 -5.52
N ASN A 214 7.93 -7.71 -5.12
CA ASN A 214 8.41 -8.48 -3.99
C ASN A 214 8.28 -7.67 -2.65
N LEU A 215 8.59 -8.34 -1.54
CA LEU A 215 8.54 -7.75 -0.24
C LEU A 215 9.87 -7.01 0.05
N ASP A 216 9.93 -5.83 -0.54
CA ASP A 216 11.12 -4.99 -0.64
C ASP A 216 11.00 -3.73 0.17
N ILE A 217 12.10 -3.21 0.68
CA ILE A 217 12.12 -1.98 1.41
C ILE A 217 12.01 -0.82 0.50
N TRP A 218 11.21 0.16 0.90
CA TRP A 218 11.06 1.39 0.15
C TRP A 218 11.47 2.52 1.05
N ILE A 219 11.53 3.70 0.46
CA ILE A 219 11.71 4.90 1.19
C ILE A 219 10.74 6.02 0.76
N ALA A 220 10.44 6.94 1.66
CA ALA A 220 9.57 8.04 1.36
C ALA A 220 10.07 9.27 2.10
N SER A 221 9.74 10.41 1.54
CA SER A 221 10.05 11.68 2.16
C SER A 221 8.82 12.36 2.74
N SER A 222 9.03 13.35 3.60
CA SER A 222 7.93 14.05 4.32
C SER A 222 8.31 15.51 4.78
N PRO A 223 7.35 16.44 4.72
CA PRO A 223 7.67 17.81 5.20
C PRO A 223 7.51 17.91 6.68
N ASP A 224 6.87 16.94 7.34
CA ASP A 224 6.39 17.10 8.69
C ASP A 224 6.19 15.85 9.53
N LEU A 225 6.59 14.68 9.04
CA LEU A 225 6.39 13.41 9.69
C LEU A 225 4.94 13.13 10.05
N ARG A 226 4.04 13.60 9.20
CA ARG A 226 2.65 13.27 9.30
C ARG A 226 2.16 12.72 7.98
N SER A 227 2.62 13.32 6.88
CA SER A 227 2.34 12.94 5.50
C SER A 227 3.63 12.61 4.77
N PHE A 228 3.54 11.63 3.87
CA PHE A 228 4.69 11.01 3.20
C PHE A 228 4.43 10.91 1.72
N GLY A 229 5.49 11.08 0.93
CA GLY A 229 5.38 11.06 -0.51
C GLY A 229 6.69 10.71 -1.18
N ASP A 230 6.72 10.89 -2.52
CA ASP A 230 7.90 10.59 -3.35
C ASP A 230 8.49 9.18 -3.05
N HIS A 231 7.58 8.22 -3.08
CA HIS A 231 7.86 6.86 -2.71
C HIS A 231 8.86 6.25 -3.71
N ARG A 232 9.97 5.70 -3.20
CA ARG A 232 10.89 4.98 -4.09
C ARG A 232 11.24 3.59 -3.54
N HIS A 233 11.50 2.68 -4.44
CA HIS A 233 12.07 1.40 -4.13
C HIS A 233 13.48 1.62 -3.62
N LEU A 234 13.89 0.94 -2.54
CA LEU A 234 15.24 1.09 -2.00
C LEU A 234 16.04 -0.21 -1.98
N LEU A 235 15.59 -1.27 -1.27
CA LEU A 235 16.37 -2.51 -1.14
C LEU A 235 15.45 -3.72 -1.48
N GLY A 236 15.85 -4.52 -2.47
CA GLY A 236 15.09 -5.65 -2.93
C GLY A 236 15.58 -6.95 -2.41
N ILE A 237 14.73 -7.97 -2.47
CA ILE A 237 15.16 -9.33 -2.07
C ILE A 237 16.23 -9.85 -3.04
N ARG A 238 17.01 -10.86 -2.65
CA ARG A 238 18.04 -11.43 -3.49
C ARG A 238 17.82 -12.91 -3.54
N PRO A 239 17.36 -13.43 -4.68
CA PRO A 239 17.12 -14.89 -4.76
C PRO A 239 18.39 -15.70 -4.43
N GLY A 240 18.17 -16.77 -3.69
CA GLY A 240 19.19 -17.67 -3.32
C GLY A 240 20.00 -17.23 -2.10
N GLU A 241 19.81 -15.98 -1.61
CA GLU A 241 20.55 -15.44 -0.47
C GLU A 241 19.74 -15.39 0.83
N TYR A 242 20.35 -14.93 1.91
CA TYR A 242 19.73 -14.97 3.22
C TYR A 242 18.37 -14.12 3.28
N ASP A 243 18.26 -13.16 2.35
CA ASP A 243 17.11 -12.25 2.14
C ASP A 243 16.38 -12.52 0.81
N SER A 244 16.18 -13.81 0.52
CA SER A 244 15.49 -14.20 -0.69
C SER A 244 13.98 -14.10 -0.57
N GLY A 245 13.42 -14.19 0.63
CA GLY A 245 11.92 -14.18 0.78
C GLY A 245 11.36 -12.78 1.06
N ARG A 246 12.03 -12.02 1.92
CA ARG A 246 11.63 -10.67 2.25
C ARG A 246 12.74 -9.95 2.94
N VAL A 247 12.67 -8.64 2.86
CA VAL A 247 13.48 -7.74 3.62
C VAL A 247 12.58 -6.69 4.28
N GLY A 248 12.97 -6.23 5.47
CA GLY A 248 12.32 -5.11 6.10
C GLY A 248 13.25 -4.33 7.01
N GLY A 249 12.98 -3.04 7.20
CA GLY A 249 13.71 -2.21 8.16
C GLY A 249 13.63 -2.77 9.56
N GLY A 250 14.73 -2.63 10.33
CA GLY A 250 14.86 -3.16 11.67
C GLY A 250 15.01 -1.99 12.62
N CYS A 251 16.25 -1.52 12.78
CA CYS A 251 16.58 -0.43 13.69
C CYS A 251 16.47 0.92 12.99
N VAL A 252 16.35 1.97 13.79
CA VAL A 252 16.36 3.33 13.28
C VAL A 252 17.72 3.58 12.52
N PRO A 253 17.68 4.18 11.33
CA PRO A 253 18.90 4.54 10.63
C PRO A 253 19.95 5.23 11.50
N ILE A 254 21.20 4.83 11.34
CA ILE A 254 22.30 5.33 12.21
C ILE A 254 23.26 6.22 11.41
N LYS A 255 23.40 7.45 11.88
CA LYS A 255 24.27 8.40 11.16
C LYS A 255 25.75 8.00 11.37
N THR A 256 26.50 7.82 10.29
CA THR A 256 27.95 7.59 10.41
C THR A 256 28.61 8.53 9.41
N GLU A 257 29.92 8.72 9.53
CA GLU A 257 30.66 9.48 8.51
C GLU A 257 30.55 8.94 7.12
N GLU A 258 30.38 7.62 7.01
CA GLU A 258 30.25 6.94 5.74
C GLU A 258 28.81 6.95 5.10
N GLY A 259 27.82 7.36 5.86
CA GLY A 259 26.42 7.30 5.39
C GLY A 259 25.46 6.83 6.47
N TRP A 260 24.20 6.60 6.06
CA TRP A 260 23.13 6.13 6.99
C TRP A 260 23.30 4.61 7.03
N LEU A 261 23.59 4.10 8.19
CA LEU A 261 23.77 2.68 8.38
C LEU A 261 22.38 2.08 8.72
N ILE A 262 22.01 1.02 7.98
CA ILE A 262 20.64 0.46 7.99
C ILE A 262 20.79 -0.91 8.42
N LEU A 263 20.36 -1.21 9.64
CA LEU A 263 20.35 -2.62 10.13
C LEU A 263 18.94 -3.18 9.89
N TYR A 264 18.82 -4.12 8.96
CA TYR A 264 17.54 -4.57 8.40
C TYR A 264 17.44 -6.03 8.59
N HIS A 265 16.20 -6.55 8.64
CA HIS A 265 16.04 -7.98 8.72
C HIS A 265 15.80 -8.57 7.38
N GLY A 266 16.34 -9.75 7.19
CA GLY A 266 16.03 -10.55 5.99
C GLY A 266 15.65 -11.94 6.29
N ALA A 267 14.76 -12.48 5.46
CA ALA A 267 14.33 -13.85 5.63
C ALA A 267 14.29 -14.55 4.32
N THR A 268 14.56 -15.85 4.40
CA THR A 268 14.42 -16.76 3.30
C THR A 268 12.95 -17.08 3.18
N GLU A 269 12.61 -17.82 2.14
CA GLU A 269 11.23 -18.29 1.90
C GLU A 269 10.84 -19.36 2.93
N GLU A 270 11.78 -19.95 3.66
CA GLU A 270 11.47 -20.83 4.80
C GLU A 270 11.33 -20.03 6.11
N ASN A 271 11.35 -18.69 6.06
CA ASN A 271 11.14 -17.87 7.25
C ASN A 271 12.18 -17.95 8.35
N ARG A 272 13.44 -18.25 8.01
CA ARG A 272 14.59 -18.03 8.89
C ARG A 272 14.94 -16.55 8.76
N TYR A 273 14.87 -15.81 9.85
CA TYR A 273 15.17 -14.36 9.87
C TYR A 273 16.56 -14.07 10.47
N VAL A 274 17.33 -13.22 9.77
CA VAL A 274 18.63 -12.77 10.19
C VAL A 274 18.67 -11.28 10.06
N MET A 275 19.70 -10.63 10.60
CA MET A 275 19.94 -9.21 10.38
C MET A 275 21.07 -9.04 9.40
N GLY A 276 20.92 -8.03 8.56
CA GLY A 276 21.90 -7.60 7.58
C GLY A 276 22.11 -6.12 7.71
N ALA A 277 22.96 -5.57 6.85
CA ALA A 277 23.20 -4.15 6.84
C ALA A 277 23.29 -3.58 5.46
N ALA A 278 22.94 -2.31 5.41
CA ALA A 278 23.08 -1.54 4.22
C ALA A 278 23.53 -0.16 4.62
N LEU A 279 24.10 0.54 3.62
CA LEU A 279 24.63 1.87 3.79
C LEU A 279 24.10 2.77 2.72
N LEU A 280 23.52 3.85 3.14
CA LEU A 280 22.90 4.79 2.22
C LEU A 280 23.65 6.11 2.23
N ASP A 281 23.58 6.83 1.13
CA ASP A 281 24.19 8.16 1.03
C ASP A 281 23.70 9.12 2.06
N LEU A 282 24.65 9.82 2.66
CA LEU A 282 24.39 10.75 3.76
C LEU A 282 23.42 11.86 3.41
N ASN A 283 23.51 12.33 2.18
CA ASN A 283 22.74 13.49 1.81
C ASN A 283 21.46 13.18 1.05
N ASP A 284 21.48 12.08 0.30
CA ASP A 284 20.32 11.57 -0.41
C ASP A 284 20.20 10.06 -0.10
N PRO A 285 19.43 9.73 0.94
CA PRO A 285 19.39 8.36 1.41
C PRO A 285 18.52 7.45 0.54
N THR A 286 17.96 7.99 -0.54
CA THR A 286 17.47 7.16 -1.65
C THR A 286 18.54 6.41 -2.41
N ILE A 287 19.81 6.73 -2.20
CA ILE A 287 20.92 6.02 -2.89
C ILE A 287 21.56 5.03 -1.94
N VAL A 288 21.65 3.77 -2.36
CA VAL A 288 22.27 2.69 -1.59
C VAL A 288 23.74 2.64 -2.05
N LEU A 289 24.68 2.75 -1.13
CA LEU A 289 26.15 2.65 -1.39
C LEU A 289 26.61 1.26 -1.27
N LYS A 290 26.22 0.58 -0.19
CA LYS A 290 26.66 -0.82 0.08
C LYS A 290 25.63 -1.68 0.80
N ARG A 291 25.80 -2.97 0.70
CA ARG A 291 24.98 -3.89 1.44
C ARG A 291 25.75 -5.11 1.72
N THR A 292 25.50 -5.76 2.84
CA THR A 292 26.20 -6.99 3.22
C THR A 292 25.76 -8.14 2.33
N LYS A 293 26.68 -9.06 2.19
CA LYS A 293 26.46 -10.28 1.49
C LYS A 293 26.20 -11.41 2.45
N THR A 294 26.56 -11.26 3.72
CA THR A 294 26.29 -12.30 4.73
C THR A 294 25.68 -11.56 5.89
N PRO A 295 25.04 -12.32 6.78
CA PRO A 295 24.41 -11.64 7.93
C PRO A 295 25.35 -11.01 8.94
N ILE A 296 24.83 -10.14 9.76
CA ILE A 296 25.57 -9.65 10.96
C ILE A 296 25.07 -10.26 12.26
N LEU A 297 23.90 -10.87 12.19
CA LEU A 297 23.33 -11.60 13.32
C LEU A 297 22.39 -12.67 12.79
N GLU A 298 22.59 -13.90 13.27
CA GLU A 298 21.77 -15.07 12.90
C GLU A 298 21.18 -15.73 14.14
N PRO A 299 20.08 -16.47 13.99
CA PRO A 299 19.52 -17.18 15.12
C PRO A 299 20.34 -18.44 15.39
N VAL A 300 21.30 -18.36 16.31
CA VAL A 300 22.22 -19.51 16.66
C VAL A 300 22.10 -19.91 18.12
N ALA A 301 21.76 -19.00 19.03
CA ALA A 301 21.45 -19.42 20.40
C ALA A 301 20.17 -20.18 20.51
N ASP A 302 20.02 -20.96 21.57
CA ASP A 302 18.86 -21.79 21.70
C ASP A 302 17.53 -21.00 21.80
N TYR A 303 17.58 -19.83 22.43
CA TYR A 303 16.41 -18.97 22.61
C TYR A 303 16.06 -18.29 21.29
N GLU A 304 17.02 -18.25 20.36
CA GLU A 304 16.81 -17.72 19.03
C GLU A 304 16.28 -18.78 18.05
N LYS A 305 16.72 -20.01 18.21
CA LYS A 305 16.27 -21.05 17.37
C LYS A 305 14.94 -21.65 17.78
N ASN A 306 14.64 -21.74 19.08
CA ASN A 306 13.47 -22.46 19.59
C ASN A 306 12.52 -21.55 20.32
N GLY A 307 11.25 -21.67 19.99
CA GLY A 307 10.19 -20.94 20.71
C GLY A 307 8.94 -20.92 19.84
N PHE A 308 8.13 -19.90 19.99
CA PHE A 308 6.83 -19.88 19.34
C PHE A 308 6.93 -19.95 17.81
N PHE A 309 7.94 -19.26 17.23
CA PHE A 309 8.21 -19.26 15.78
C PHE A 309 9.72 -19.21 15.65
N GLY A 310 10.33 -20.40 15.64
CA GLY A 310 11.76 -20.57 15.75
C GLY A 310 12.58 -20.06 14.57
N ASP A 311 13.89 -19.92 14.78
CA ASP A 311 14.84 -19.36 13.81
C ASP A 311 14.59 -17.92 13.40
N VAL A 312 14.38 -17.09 14.39
CA VAL A 312 14.16 -15.69 14.19
C VAL A 312 14.99 -14.86 15.17
N VAL A 313 15.75 -13.90 14.63
CA VAL A 313 16.20 -12.72 15.35
C VAL A 313 15.64 -11.55 14.56
N PHE A 314 15.07 -10.62 15.30
CA PHE A 314 14.32 -9.53 14.70
C PHE A 314 14.53 -8.25 15.53
N ALA A 315 15.47 -7.44 15.07
CA ALA A 315 15.89 -6.28 15.82
C ALA A 315 15.12 -5.05 15.42
N CYS A 316 14.43 -4.45 16.41
CA CYS A 316 13.62 -3.27 16.23
C CYS A 316 14.17 -1.99 16.82
N GLY A 317 15.32 -2.07 17.52
CA GLY A 317 16.02 -0.86 17.80
C GLY A 317 17.35 -1.13 18.49
N ALA A 318 18.14 -0.06 18.64
CA ALA A 318 19.46 -0.13 19.27
C ALA A 318 19.83 1.24 19.82
N ILE A 319 20.64 1.22 20.87
CA ILE A 319 21.22 2.45 21.44
C ILE A 319 22.69 2.56 21.07
N GLN A 320 23.05 3.71 20.54
CA GLN A 320 24.44 3.96 20.16
C GLN A 320 25.16 4.59 21.37
N GLU A 321 26.30 4.03 21.74
CA GLU A 321 27.21 4.63 22.74
C GLU A 321 28.61 4.61 22.13
N GLY A 322 28.95 5.72 21.48
CA GLY A 322 30.18 5.85 20.72
C GLY A 322 30.11 4.95 19.49
N ASP A 323 31.15 4.16 19.32
CA ASP A 323 31.20 3.09 18.40
C ASP A 323 30.41 1.81 18.81
N THR A 324 29.92 1.70 20.04
CA THR A 324 29.22 0.45 20.43
C THR A 324 27.73 0.59 20.13
N LEU A 325 27.10 -0.46 19.58
CA LEU A 325 25.59 -0.50 19.51
C LEU A 325 25.09 -1.47 20.52
N HIS A 326 24.19 -1.01 21.39
CA HIS A 326 23.49 -1.88 22.27
C HIS A 326 22.17 -2.21 21.51
N MET A 327 22.12 -3.39 20.92
CA MET A 327 21.02 -3.81 20.01
C MET A 327 20.16 -4.81 20.76
N TYR A 328 18.88 -4.51 20.80
CA TYR A 328 17.88 -5.38 21.39
C TYR A 328 17.03 -5.99 20.26
N TYR A 329 16.67 -7.25 20.41
CA TYR A 329 15.95 -7.97 19.38
C TYR A 329 15.05 -9.04 19.90
N GLY A 330 13.92 -9.18 19.19
CA GLY A 330 13.07 -10.34 19.31
C GLY A 330 13.76 -11.64 18.95
N VAL A 331 13.49 -12.70 19.74
CA VAL A 331 13.98 -14.01 19.52
C VAL A 331 12.81 -14.99 19.44
N ALA A 332 12.76 -15.67 18.29
CA ALA A 332 11.83 -16.74 18.04
C ALA A 332 10.34 -16.34 18.25
N ASP A 333 10.02 -15.03 18.03
CA ASP A 333 8.70 -14.38 18.34
C ASP A 333 8.25 -14.66 19.78
N THR A 334 9.22 -14.86 20.67
CA THR A 334 8.92 -15.32 22.01
C THR A 334 9.40 -14.36 23.09
N SER A 335 10.66 -13.93 22.96
CA SER A 335 11.32 -13.17 24.00
C SER A 335 12.16 -12.08 23.44
N MET A 336 12.82 -11.35 24.34
CA MET A 336 13.71 -10.26 23.97
C MET A 336 15.12 -10.65 24.40
N ALA A 337 16.09 -10.33 23.57
CA ALA A 337 17.53 -10.54 23.84
C ALA A 337 18.28 -9.25 23.59
N GLY A 338 19.49 -9.15 24.14
CA GLY A 338 20.39 -7.99 23.93
C GLY A 338 21.79 -8.44 23.47
N CYS A 339 22.43 -7.62 22.65
CA CYS A 339 23.81 -7.86 22.24
C CYS A 339 24.47 -6.52 21.99
N ASP A 340 25.82 -6.45 22.11
CA ASP A 340 26.63 -5.27 21.70
C ASP A 340 27.41 -5.63 20.45
N MET A 341 27.43 -4.68 19.53
CA MET A 341 28.22 -4.79 18.35
C MET A 341 28.94 -3.48 18.19
N LYS A 342 29.85 -3.45 17.24
CA LYS A 342 30.54 -2.19 16.89
C LYS A 342 30.15 -1.65 15.50
N ILE A 343 29.85 -0.37 15.41
CA ILE A 343 29.50 0.29 14.16
C ILE A 343 30.67 0.13 13.18
N SER A 344 31.91 0.40 13.67
CA SER A 344 33.11 0.21 12.81
C SER A 344 33.23 -1.21 12.27
N GLU A 345 32.96 -2.22 13.06
CA GLU A 345 33.02 -3.56 12.51
C GLU A 345 31.90 -3.82 11.47
N ILE A 346 30.71 -3.23 11.64
CA ILE A 346 29.66 -3.47 10.62
C ILE A 346 30.05 -2.75 9.31
N LEU A 347 30.52 -1.49 9.43
CA LEU A 347 31.04 -0.68 8.27
C LEU A 347 32.18 -1.36 7.54
N HIS A 348 32.99 -2.03 8.34
CA HIS A 348 34.04 -2.87 7.78
C HIS A 348 33.48 -4.04 7.00
N GLN A 349 32.51 -4.76 7.59
CA GLN A 349 31.91 -5.84 6.82
C GLN A 349 31.30 -5.30 5.51
N LEU A 350 30.64 -4.15 5.58
CA LEU A 350 30.07 -3.57 4.35
C LEU A 350 31.14 -3.31 3.27
N GLU A 351 32.29 -2.77 3.69
CA GLU A 351 33.38 -2.44 2.75
C GLU A 351 33.94 -3.66 2.10
N VAL A 352 34.26 -4.64 2.93
CA VAL A 352 34.75 -5.92 2.45
C VAL A 352 33.82 -6.63 1.50
N GLU A 353 32.54 -6.72 1.85
CA GLU A 353 31.63 -7.52 1.07
C GLU A 353 31.06 -6.81 -0.16
N ALA A 354 31.09 -5.49 -0.26
CA ALA A 354 30.46 -4.81 -1.45
C ALA A 354 31.41 -4.55 -2.61
N MET B 1 -32.11 6.66 -13.15
CA MET B 1 -31.43 7.78 -13.76
C MET B 1 -31.93 7.91 -15.17
N ASN B 2 -32.14 9.15 -15.60
CA ASN B 2 -32.37 9.44 -17.00
C ASN B 2 -31.05 9.78 -17.63
N ILE B 3 -30.39 8.75 -18.16
CA ILE B 3 -29.10 8.94 -18.78
C ILE B 3 -29.38 9.25 -20.27
N TYR B 4 -28.77 10.31 -20.76
CA TYR B 4 -28.65 10.53 -22.19
C TYR B 4 -27.23 10.07 -22.75
N ARG B 5 -27.23 8.93 -23.38
CA ARG B 5 -26.03 8.34 -23.98
C ARG B 5 -25.87 9.01 -25.34
N TYR B 6 -24.71 9.55 -25.58
CA TYR B 6 -24.51 10.30 -26.80
C TYR B 6 -24.69 9.49 -28.04
N GLU B 7 -25.28 10.15 -29.01
CA GLU B 7 -25.62 9.56 -30.31
C GLU B 7 -24.39 8.99 -31.05
N GLU B 8 -23.28 9.64 -30.88
CA GLU B 8 -22.03 9.28 -31.52
C GLU B 8 -21.30 8.14 -30.82
N ASN B 9 -21.83 7.58 -29.73
CA ASN B 9 -21.13 6.58 -28.96
C ASN B 9 -20.94 5.32 -29.80
N PRO B 10 -19.78 4.70 -29.76
CA PRO B 10 -18.61 5.10 -28.94
C PRO B 10 -17.89 6.26 -29.58
N LEU B 11 -17.43 7.21 -28.83
CA LEU B 11 -16.86 8.42 -29.41
C LEU B 11 -15.52 8.20 -30.03
N ILE B 12 -14.69 7.34 -29.44
CA ILE B 12 -13.34 7.05 -29.90
C ILE B 12 -13.10 5.56 -29.66
N THR B 13 -12.67 4.88 -30.72
CA THR B 13 -12.43 3.45 -30.75
C THR B 13 -10.98 3.20 -31.17
N PRO B 14 -10.53 1.93 -31.06
CA PRO B 14 -9.18 1.57 -31.51
C PRO B 14 -8.95 1.91 -32.99
N LEU B 15 -9.99 1.72 -33.79
CA LEU B 15 -9.97 2.10 -35.24
C LEU B 15 -9.65 3.53 -35.46
N ASP B 16 -9.94 4.41 -34.54
CA ASP B 16 -9.54 5.81 -34.70
C ASP B 16 -8.10 6.14 -34.35
N VAL B 17 -7.32 5.19 -33.86
CA VAL B 17 -6.02 5.52 -33.22
C VAL B 17 -4.97 4.64 -33.86
N LYS B 18 -3.90 5.23 -34.39
CA LYS B 18 -2.85 4.44 -35.04
C LYS B 18 -1.77 4.11 -34.00
N PRO B 19 -1.28 2.85 -34.00
CA PRO B 19 -0.16 2.42 -33.11
C PRO B 19 1.12 3.23 -33.30
N ILE B 20 1.76 3.55 -32.20
CA ILE B 20 3.02 4.27 -32.22
C ILE B 20 4.21 3.27 -32.18
N HIS B 21 3.97 2.00 -31.83
CA HIS B 21 5.05 1.03 -31.81
C HIS B 21 4.87 0.23 -33.08
N GLU B 22 5.95 0.10 -33.84
CA GLU B 22 6.03 -0.77 -35.01
C GLU B 22 5.57 -2.20 -34.74
N GLY B 23 4.60 -2.65 -35.51
CA GLY B 23 4.06 -4.02 -35.42
C GLY B 23 3.16 -4.34 -34.22
N PHE B 24 2.56 -3.28 -33.64
CA PHE B 24 1.60 -3.47 -32.51
C PHE B 24 0.22 -3.08 -32.98
N GLU B 25 -0.81 -3.69 -32.38
CA GLU B 25 -2.17 -3.26 -32.58
C GLU B 25 -2.69 -2.45 -31.36
N VAL B 26 -3.40 -1.35 -31.63
CA VAL B 26 -4.15 -0.63 -30.59
C VAL B 26 -5.29 -1.48 -30.14
N ILE B 27 -5.27 -1.93 -28.89
CA ILE B 27 -6.42 -2.71 -28.45
C ILE B 27 -7.47 -1.88 -27.65
N GLY B 28 -7.12 -0.71 -27.19
CA GLY B 28 -8.04 0.08 -26.43
C GLY B 28 -7.69 1.53 -26.47
N ALA B 29 -8.70 2.38 -26.50
CA ALA B 29 -8.53 3.81 -26.21
C ALA B 29 -9.65 4.15 -25.24
N PHE B 30 -9.31 4.30 -23.97
CA PHE B 30 -10.27 4.12 -22.91
C PHE B 30 -9.88 4.77 -21.62
N ASN B 31 -10.72 4.59 -20.60
CA ASN B 31 -10.48 5.18 -19.27
C ASN B 31 -9.85 6.54 -19.24
N GLY B 32 -10.41 7.43 -20.09
CA GLY B 32 -9.80 8.76 -20.26
C GLY B 32 -10.04 9.73 -19.12
N GLY B 33 -8.99 10.38 -18.61
CA GLY B 33 -9.11 11.53 -17.71
C GLY B 33 -9.77 12.71 -18.41
N VAL B 34 -10.35 13.62 -17.64
CA VAL B 34 -11.18 14.64 -18.28
C VAL B 34 -10.78 15.97 -17.76
N ALA B 35 -10.55 16.92 -18.64
CA ALA B 35 -10.35 18.34 -18.25
C ALA B 35 -10.98 19.36 -19.25
N GLU B 36 -11.13 20.62 -18.82
CA GLU B 36 -11.46 21.75 -19.67
C GLU B 36 -10.16 22.54 -19.72
N TYR B 37 -9.68 22.81 -20.93
CA TYR B 37 -8.51 23.68 -21.08
C TYR B 37 -8.63 24.53 -22.35
N ASN B 38 -8.56 25.84 -22.15
CA ASN B 38 -8.56 26.78 -23.31
C ASN B 38 -9.78 26.59 -24.19
N GLY B 39 -10.94 26.50 -23.56
CA GLY B 39 -12.19 26.34 -24.31
C GLY B 39 -12.47 25.01 -24.98
N GLU B 40 -11.71 23.96 -24.64
CA GLU B 40 -11.97 22.66 -25.18
C GLU B 40 -12.02 21.58 -24.05
N VAL B 41 -12.75 20.51 -24.34
CA VAL B 41 -12.76 19.31 -23.53
C VAL B 41 -11.52 18.47 -23.93
N LEU B 42 -10.69 18.12 -22.95
CA LEU B 42 -9.56 17.15 -23.11
C LEU B 42 -9.89 15.80 -22.49
N LEU B 43 -9.77 14.74 -23.27
CA LEU B 43 -9.77 13.37 -22.78
C LEU B 43 -8.32 12.94 -22.75
N LEU B 44 -7.84 12.54 -21.59
CA LEU B 44 -6.45 11.96 -21.50
C LEU B 44 -6.58 10.45 -21.60
N LEU B 45 -6.57 10.00 -22.85
CA LEU B 45 -6.93 8.66 -23.18
C LEU B 45 -5.83 7.72 -22.71
N ARG B 46 -6.22 6.59 -22.16
CA ARG B 46 -5.30 5.43 -22.05
C ARG B 46 -5.31 4.68 -23.37
N VAL B 47 -4.19 4.67 -24.08
CA VAL B 47 -4.07 3.84 -25.28
C VAL B 47 -3.21 2.62 -24.96
N ALA B 48 -3.78 1.45 -25.16
CA ALA B 48 -3.14 0.19 -24.88
C ALA B 48 -2.72 -0.42 -26.18
N GLU B 49 -1.45 -0.84 -26.29
CA GLU B 49 -0.93 -1.54 -27.52
C GLU B 49 -0.35 -2.93 -27.20
N LYS B 50 -0.78 -3.92 -27.97
CA LYS B 50 -0.47 -5.30 -27.82
C LYS B 50 0.46 -5.67 -28.98
N PRO B 51 1.59 -6.34 -28.70
CA PRO B 51 2.47 -6.76 -29.82
C PRO B 51 1.81 -7.92 -30.52
N VAL B 52 1.92 -7.90 -31.83
CA VAL B 52 1.42 -9.03 -32.64
C VAL B 52 2.52 -10.07 -32.72
N SER B 53 2.18 -11.29 -32.33
CA SER B 53 3.05 -12.43 -32.45
C SER B 53 2.83 -13.07 -33.82
N GLU B 54 3.91 -13.18 -34.59
CA GLU B 54 3.92 -13.97 -35.83
C GLU B 54 3.66 -15.47 -35.57
N ASP B 55 4.00 -15.96 -34.37
CA ASP B 55 3.77 -17.33 -33.96
C ASP B 55 2.59 -17.40 -33.00
N PRO B 56 1.48 -18.06 -33.39
CA PRO B 56 0.26 -18.11 -32.53
C PRO B 56 0.34 -19.00 -31.29
N GLU B 57 1.47 -19.65 -31.09
CA GLU B 57 1.74 -20.37 -29.88
C GLU B 57 2.56 -19.54 -28.86
N ILE B 58 2.94 -18.34 -29.25
CA ILE B 58 3.69 -17.44 -28.43
C ILE B 58 2.86 -16.17 -28.24
N VAL B 59 2.78 -15.70 -26.99
CA VAL B 59 2.30 -14.33 -26.71
C VAL B 59 3.45 -13.57 -26.17
N LEU B 60 3.49 -12.30 -26.50
CA LEU B 60 4.54 -11.41 -26.15
C LEU B 60 4.08 -10.41 -25.07
N ALA B 61 4.90 -10.21 -24.04
CA ALA B 61 4.72 -9.12 -23.08
C ALA B 61 5.48 -7.86 -23.46
N PRO B 62 4.79 -6.74 -23.62
CA PRO B 62 5.59 -5.58 -24.01
C PRO B 62 6.13 -4.75 -22.84
N VAL B 63 7.43 -4.84 -22.56
CA VAL B 63 7.99 -4.27 -21.38
C VAL B 63 8.91 -3.19 -21.78
N TYR B 64 8.80 -2.09 -21.08
CA TYR B 64 9.68 -0.97 -21.33
C TYR B 64 10.87 -1.07 -20.44
N ASN B 65 12.05 -0.98 -21.08
CA ASN B 65 13.33 -0.98 -20.39
C ASN B 65 13.72 0.43 -20.07
N ALA B 66 13.73 0.78 -18.79
CA ALA B 66 14.01 2.11 -18.33
C ALA B 66 15.46 2.57 -18.59
N LYS B 67 16.40 1.64 -18.52
CA LYS B 67 17.83 2.03 -18.67
C LYS B 67 18.08 2.39 -20.15
N ASN B 68 17.60 1.57 -21.10
CA ASN B 68 17.74 1.83 -22.56
C ASN B 68 16.61 2.59 -23.26
N LYS B 69 15.56 2.90 -22.53
CA LYS B 69 14.47 3.69 -23.02
C LYS B 69 13.89 3.19 -24.29
N GLU B 70 13.63 1.88 -24.34
CA GLU B 70 12.92 1.28 -25.44
C GLU B 70 12.26 0.00 -24.95
N LEU B 71 11.41 -0.56 -25.78
CA LEU B 71 10.74 -1.76 -25.43
C LEU B 71 11.73 -2.89 -25.52
N GLU B 72 11.51 -3.92 -24.70
CA GLU B 72 12.20 -5.19 -24.78
C GLU B 72 11.18 -6.22 -24.50
N LEU B 73 10.68 -6.80 -25.57
CA LEU B 73 9.62 -7.77 -25.57
C LEU B 73 9.98 -9.06 -24.92
N GLN B 74 9.05 -9.64 -24.16
CA GLN B 74 9.29 -10.93 -23.52
C GLN B 74 8.32 -11.95 -23.97
N SER B 75 8.82 -13.13 -24.29
CA SER B 75 8.03 -14.15 -24.99
C SER B 75 7.57 -15.25 -24.02
N PHE B 76 6.38 -15.82 -24.20
CA PHE B 76 5.82 -16.84 -23.32
C PHE B 76 5.01 -17.75 -24.19
N ARG B 77 5.14 -19.05 -23.99
CA ARG B 77 4.36 -20.05 -24.69
C ARG B 77 3.02 -20.24 -24.10
N LEU B 78 1.97 -20.28 -24.91
CA LEU B 78 0.61 -20.51 -24.39
C LEU B 78 0.46 -21.84 -23.69
N ASP B 79 1.33 -22.80 -23.99
CA ASP B 79 1.27 -24.16 -23.43
C ASP B 79 2.19 -24.27 -22.23
N ASP B 80 2.86 -23.17 -21.87
CA ASP B 80 3.74 -23.15 -20.72
C ASP B 80 2.88 -23.43 -19.51
N GLU B 81 3.21 -24.53 -18.87
CA GLU B 81 2.36 -25.12 -17.84
C GLU B 81 2.38 -24.26 -16.54
N ASN B 82 3.39 -23.41 -16.42
CA ASN B 82 3.44 -22.42 -15.36
C ASN B 82 2.42 -21.27 -15.43
N TYR B 83 1.91 -20.96 -16.63
CA TYR B 83 1.21 -19.72 -16.83
C TYR B 83 -0.24 -19.92 -17.18
N ASP B 84 -1.07 -18.89 -16.94
CA ASP B 84 -2.53 -18.97 -17.15
C ASP B 84 -2.80 -17.74 -18.00
N PHE B 85 -3.47 -17.97 -19.14
CA PHE B 85 -3.69 -16.93 -20.15
C PHE B 85 -5.17 -16.70 -20.33
N GLU B 86 -5.96 -17.09 -19.33
CA GLU B 86 -7.43 -16.98 -19.38
C GLU B 86 -7.94 -15.55 -19.22
N ASP B 87 -7.20 -14.68 -18.52
CA ASP B 87 -7.58 -13.32 -18.44
C ASP B 87 -6.82 -12.61 -19.56
N PRO B 88 -7.54 -12.03 -20.51
CA PRO B 88 -6.85 -11.46 -21.68
C PRO B 88 -6.02 -10.22 -21.35
N ARG B 89 -6.15 -9.68 -20.15
CA ARG B 89 -5.40 -8.51 -19.77
C ARG B 89 -4.01 -8.86 -19.22
N MET B 90 -3.74 -10.12 -18.96
CA MET B 90 -2.51 -10.43 -18.22
C MET B 90 -2.02 -11.82 -18.41
N ILE B 91 -0.71 -11.96 -18.22
CA ILE B 91 -0.09 -13.28 -18.18
C ILE B 91 0.14 -13.57 -16.70
N ARG B 92 -0.46 -14.62 -16.16
CA ARG B 92 -0.40 -14.93 -14.77
C ARG B 92 0.26 -16.24 -14.52
N SER B 93 0.97 -16.33 -13.42
CA SER B 93 1.41 -17.59 -12.82
C SER B 93 0.29 -18.38 -12.23
N LYS B 94 0.26 -19.70 -12.49
CA LYS B 94 -0.77 -20.59 -11.96
C LYS B 94 -0.74 -20.63 -10.46
N ALA B 95 0.44 -20.47 -9.84
CA ALA B 95 0.51 -20.41 -8.40
C ALA B 95 0.08 -18.99 -7.80
N LYS B 96 -0.35 -18.02 -8.62
CA LYS B 96 -0.61 -16.68 -8.16
C LYS B 96 -1.66 -16.03 -9.02
N LEU B 97 -2.79 -16.71 -9.16
CA LEU B 97 -3.90 -16.17 -9.95
C LEU B 97 -4.53 -14.85 -9.42
N GLU B 98 -4.29 -14.54 -8.12
CA GLU B 98 -4.69 -13.26 -7.53
C GLU B 98 -3.88 -12.05 -8.11
N GLY B 99 -2.81 -12.34 -8.90
CA GLY B 99 -1.89 -11.31 -9.41
C GLY B 99 -1.59 -11.43 -10.90
N PHE B 100 -0.42 -10.97 -11.29
CA PHE B 100 0.08 -11.19 -12.63
C PHE B 100 1.59 -11.13 -12.65
N SER B 101 2.19 -11.77 -13.66
CA SER B 101 3.63 -11.56 -13.94
C SER B 101 3.89 -10.52 -14.97
N TYR B 102 3.05 -10.49 -16.01
CA TYR B 102 3.07 -9.45 -17.05
C TYR B 102 1.67 -9.07 -17.46
N LEU B 103 1.60 -7.92 -18.10
CA LEU B 103 0.40 -7.49 -18.84
C LEU B 103 0.56 -7.87 -20.32
N THR B 104 -0.57 -7.99 -21.00
CA THR B 104 -0.60 -8.35 -22.40
C THR B 104 -0.42 -7.14 -23.30
N SER B 105 -0.45 -5.96 -22.72
CA SER B 105 -0.31 -4.71 -23.47
C SER B 105 0.43 -3.71 -22.68
N LEU B 106 0.84 -2.67 -23.36
CA LEU B 106 1.45 -1.56 -22.71
C LEU B 106 0.67 -0.35 -23.08
N SER B 107 0.38 0.46 -22.07
CA SER B 107 -0.34 1.69 -22.22
C SER B 107 0.48 2.91 -21.98
N TYR B 108 0.00 3.97 -22.61
CA TYR B 108 0.48 5.35 -22.45
C TYR B 108 -0.71 6.28 -22.55
N ILE B 109 -0.47 7.54 -22.22
CA ILE B 109 -1.54 8.57 -22.33
C ILE B 109 -1.43 9.43 -23.63
N ARG B 110 -2.55 9.61 -24.30
CA ARG B 110 -2.69 10.53 -25.48
C ARG B 110 -3.98 11.35 -25.42
N ILE B 111 -3.83 12.66 -25.60
CA ILE B 111 -4.91 13.59 -25.52
C ILE B 111 -5.76 13.62 -26.79
N ALA B 112 -7.06 13.66 -26.58
CA ALA B 112 -8.02 14.00 -27.61
C ALA B 112 -8.81 15.24 -27.12
N ARG B 113 -9.12 16.13 -28.08
CA ARG B 113 -9.81 17.42 -27.78
C ARG B 113 -11.09 17.63 -28.59
N SER B 114 -12.00 18.39 -28.00
CA SER B 114 -13.29 18.64 -28.59
C SER B 114 -13.77 20.03 -28.22
N LYS B 115 -14.36 20.68 -29.20
CA LYS B 115 -15.05 21.96 -29.00
C LYS B 115 -16.44 21.70 -28.42
N ASP B 116 -17.12 20.74 -28.99
CA ASP B 116 -18.52 20.53 -28.67
C ASP B 116 -18.73 19.39 -27.61
N GLY B 117 -17.67 18.71 -27.18
CA GLY B 117 -17.78 17.62 -26.21
C GLY B 117 -18.25 16.31 -26.79
N HIS B 118 -18.48 16.24 -28.10
CA HIS B 118 -18.95 15.03 -28.76
C HIS B 118 -18.01 14.48 -29.83
N HIS B 119 -17.36 15.38 -30.57
CA HIS B 119 -16.50 15.02 -31.74
C HIS B 119 -15.14 15.45 -31.25
N PHE B 120 -14.24 14.46 -31.23
CA PHE B 120 -12.88 14.63 -30.73
C PHE B 120 -11.82 14.47 -31.82
N THR B 121 -10.81 15.31 -31.74
CA THR B 121 -9.60 15.12 -32.55
C THR B 121 -8.39 14.81 -31.67
N LEU B 122 -7.59 13.81 -32.06
CA LEU B 122 -6.36 13.45 -31.28
C LEU B 122 -5.23 14.45 -31.40
N ASP B 123 -4.55 14.79 -30.30
CA ASP B 123 -3.25 15.46 -30.41
C ASP B 123 -2.34 14.53 -31.22
N GLU B 124 -1.32 15.16 -31.78
CA GLU B 124 -0.43 14.51 -32.80
C GLU B 124 0.37 13.42 -32.11
N LYS B 125 0.94 13.74 -30.96
CA LYS B 125 1.89 12.84 -30.31
C LYS B 125 1.33 12.38 -28.95
N PRO B 126 1.92 11.32 -28.33
CA PRO B 126 1.61 10.92 -26.95
C PRO B 126 1.78 12.04 -25.95
N PHE B 127 1.04 12.00 -24.86
CA PHE B 127 1.19 13.03 -23.81
C PHE B 127 2.14 12.55 -22.71
N LEU B 128 1.98 11.30 -22.25
CA LEU B 128 2.77 10.69 -21.20
C LEU B 128 3.04 9.30 -21.63
N TYR B 129 4.32 8.97 -21.69
CA TYR B 129 4.83 7.72 -22.09
C TYR B 129 5.82 7.30 -21.00
N PRO B 130 5.81 6.02 -20.64
CA PRO B 130 6.65 5.49 -19.58
C PRO B 130 8.03 6.11 -19.60
N PHE B 131 8.47 6.65 -18.49
CA PHE B 131 9.72 7.34 -18.48
C PHE B 131 10.59 6.97 -17.33
N ASN B 132 10.28 5.89 -16.62
CA ASN B 132 11.11 5.53 -15.50
C ASN B 132 10.84 4.11 -15.10
N GLU B 133 11.65 3.65 -14.14
CA GLU B 133 11.59 2.27 -13.67
C GLU B 133 10.28 1.87 -13.01
N TYR B 134 9.44 2.85 -12.59
CA TYR B 134 8.12 2.54 -12.00
C TYR B 134 7.01 2.38 -13.04
N GLN B 135 7.33 2.52 -14.36
CA GLN B 135 6.33 2.58 -15.45
C GLN B 135 6.60 1.59 -16.56
N THR B 136 7.32 0.51 -16.25
CA THR B 136 7.79 -0.37 -17.30
C THR B 136 6.75 -1.22 -17.95
N PHE B 137 5.63 -1.44 -17.27
CA PHE B 137 4.49 -2.15 -17.90
C PHE B 137 3.43 -1.15 -18.41
N GLY B 138 3.67 0.15 -18.25
CA GLY B 138 2.74 1.18 -18.71
C GLY B 138 2.36 2.29 -17.75
N ILE B 139 1.75 3.31 -18.37
CA ILE B 139 1.09 4.38 -17.66
C ILE B 139 -0.41 4.22 -17.95
N GLU B 140 -1.23 4.23 -16.91
CA GLU B 140 -2.67 3.89 -17.08
C GLU B 140 -3.63 4.86 -16.35
N ASP B 141 -4.79 5.10 -16.96
CA ASP B 141 -5.96 5.57 -16.22
C ASP B 141 -5.64 6.88 -15.53
N ALA B 142 -5.16 7.83 -16.32
CA ALA B 142 -4.86 9.19 -15.82
C ALA B 142 -6.13 9.95 -15.36
N ARG B 143 -6.09 10.52 -14.18
CA ARG B 143 -7.19 11.32 -13.62
C ARG B 143 -6.71 12.77 -13.62
N VAL B 144 -7.60 13.73 -13.77
CA VAL B 144 -7.18 15.14 -13.78
C VAL B 144 -8.03 15.95 -12.84
N THR B 145 -7.36 16.62 -11.91
CA THR B 145 -8.06 17.48 -10.97
C THR B 145 -7.45 18.85 -11.17
N GLN B 146 -8.29 19.83 -11.54
CA GLN B 146 -7.83 21.19 -11.73
C GLN B 146 -8.11 21.98 -10.49
N ILE B 147 -7.09 22.63 -9.93
CA ILE B 147 -7.24 23.53 -8.77
C ILE B 147 -6.63 24.85 -9.18
N GLY B 148 -7.45 25.89 -9.41
CA GLY B 148 -6.90 27.14 -9.87
C GLY B 148 -6.40 26.98 -11.28
N ASP B 149 -5.22 27.46 -11.59
CA ASP B 149 -4.65 27.24 -12.92
C ASP B 149 -3.89 25.88 -13.06
N THR B 150 -3.73 25.13 -11.98
CA THR B 150 -2.88 23.90 -12.00
C THR B 150 -3.71 22.61 -12.23
N TYR B 151 -3.31 21.92 -13.28
CA TYR B 151 -3.80 20.57 -13.57
C TYR B 151 -2.90 19.51 -12.93
N HIS B 152 -3.52 18.70 -12.06
CA HIS B 152 -2.94 17.48 -11.40
C HIS B 152 -3.33 16.24 -12.20
N VAL B 153 -2.38 15.72 -12.94
CA VAL B 153 -2.55 14.55 -13.71
C VAL B 153 -1.90 13.38 -12.95
N ASN B 154 -2.72 12.45 -12.45
CA ASN B 154 -2.20 11.34 -11.70
C ASN B 154 -2.69 9.99 -12.26
N PHE B 155 -1.80 9.01 -12.25
CA PHE B 155 -2.01 7.78 -13.00
C PHE B 155 -1.38 6.57 -12.33
N SER B 156 -1.80 5.38 -12.76
CA SER B 156 -1.21 4.16 -12.33
C SER B 156 0.15 4.07 -13.04
N ALA B 157 1.15 3.65 -12.26
CA ALA B 157 2.51 3.38 -12.81
C ALA B 157 2.81 1.95 -12.49
N VAL B 158 2.82 1.12 -13.52
CA VAL B 158 2.88 -0.31 -13.33
C VAL B 158 4.29 -0.75 -13.66
N SER B 159 4.89 -1.53 -12.80
CA SER B 159 6.19 -2.15 -13.05
C SER B 159 6.38 -3.40 -12.25
N GLU B 160 7.57 -4.00 -12.35
CA GLU B 160 7.93 -5.11 -11.48
C GLU B 160 8.02 -4.77 -10.00
N PHE B 161 8.15 -3.50 -9.69
CA PHE B 161 8.12 -3.12 -8.27
C PHE B 161 6.71 -2.96 -7.70
N GLY B 162 5.69 -2.97 -8.57
CA GLY B 162 4.30 -2.88 -8.14
C GLY B 162 3.48 -1.88 -8.91
N VAL B 163 2.21 -1.73 -8.52
CA VAL B 163 1.32 -0.73 -9.16
C VAL B 163 1.24 0.43 -8.20
N ALA B 164 1.89 1.54 -8.57
CA ALA B 164 1.90 2.70 -7.79
C ALA B 164 1.04 3.73 -8.48
N ASP B 165 0.82 4.86 -7.78
CA ASP B 165 0.14 6.04 -8.33
C ASP B 165 1.07 7.27 -8.25
N ALA B 166 1.27 7.84 -9.42
CA ALA B 166 2.21 8.94 -9.67
C ALA B 166 1.55 10.22 -10.21
N LEU B 167 2.20 11.34 -10.03
CA LEU B 167 1.56 12.65 -10.31
C LEU B 167 2.48 13.46 -11.20
N VAL B 168 1.86 14.07 -12.19
CA VAL B 168 2.45 15.14 -13.01
C VAL B 168 1.59 16.39 -12.91
N THR B 169 2.22 17.54 -12.63
CA THR B 169 1.51 18.82 -12.65
C THR B 169 1.86 19.70 -13.84
N THR B 170 0.90 20.52 -14.30
CA THR B 170 1.04 21.38 -15.49
C THR B 170 -0.02 22.50 -15.49
N LYS B 171 0.30 23.63 -16.11
CA LYS B 171 -0.68 24.69 -16.33
C LYS B 171 -1.14 24.74 -17.73
N ASP B 172 -0.48 24.01 -18.63
CA ASP B 172 -0.84 24.12 -20.04
C ASP B 172 -0.81 22.89 -20.86
N PHE B 173 -0.73 21.71 -20.22
CA PHE B 173 -0.55 20.43 -20.95
C PHE B 173 0.65 20.36 -21.92
N GLU B 174 1.64 21.20 -21.71
CA GLU B 174 2.86 21.22 -22.50
C GLU B 174 4.09 21.22 -21.61
N ASN B 175 4.13 22.09 -20.63
CA ASN B 175 5.22 22.05 -19.67
C ASN B 175 4.79 21.23 -18.43
N LEU B 176 5.47 20.10 -18.23
CA LEU B 176 5.10 19.07 -17.24
C LEU B 176 6.11 19.01 -16.09
N GLU B 177 5.66 18.84 -14.85
CA GLU B 177 6.56 18.69 -13.70
C GLU B 177 6.22 17.33 -12.98
N TYR B 178 7.16 16.41 -12.94
CA TYR B 178 6.98 15.09 -12.36
C TYR B 178 7.06 15.29 -10.87
N GLN B 179 6.09 14.82 -10.08
CA GLN B 179 6.12 14.99 -8.62
C GLN B 179 6.32 13.65 -7.90
N GLY B 180 6.70 12.59 -8.59
CA GLY B 180 6.96 11.32 -7.91
C GLY B 180 5.72 10.42 -7.75
N ASN B 181 5.94 9.26 -7.13
CA ASN B 181 4.90 8.32 -6.75
C ASN B 181 4.26 8.89 -5.50
N ILE B 182 3.04 9.41 -5.63
CA ILE B 182 2.36 10.04 -4.48
C ILE B 182 1.70 8.98 -3.57
N PHE B 183 1.36 7.83 -4.12
CA PHE B 183 0.89 6.66 -3.34
C PHE B 183 1.82 5.48 -3.67
N ALA B 184 2.31 4.83 -2.62
CA ALA B 184 3.09 3.62 -2.74
C ALA B 184 2.27 2.50 -3.28
N PRO B 185 2.92 1.55 -3.99
CA PRO B 185 2.15 0.39 -4.36
C PRO B 185 1.66 -0.32 -3.08
N GLU B 186 0.63 -1.12 -3.13
CA GLU B 186 -0.19 -1.32 -4.35
C GLU B 186 -1.40 -0.34 -4.23
N ASN B 187 -1.55 0.52 -5.21
CA ASN B 187 -2.60 1.54 -5.21
C ASN B 187 -2.88 2.06 -6.57
N LYS B 188 -4.14 2.45 -6.77
CA LYS B 188 -4.63 3.02 -8.00
C LYS B 188 -5.96 3.77 -7.71
N ASP B 189 -6.59 4.30 -8.74
CA ASP B 189 -7.91 4.97 -8.64
C ASP B 189 -7.82 6.11 -7.62
N VAL B 190 -6.75 6.88 -7.76
CA VAL B 190 -6.50 8.00 -6.88
C VAL B 190 -7.23 9.21 -7.48
N LEU B 191 -8.04 9.85 -6.66
CA LEU B 191 -8.72 11.09 -7.06
C LEU B 191 -8.54 12.22 -6.07
N ILE B 192 -7.90 13.27 -6.53
CA ILE B 192 -7.63 14.42 -5.74
C ILE B 192 -8.84 15.35 -5.70
N PHE B 193 -9.20 15.76 -4.49
CA PHE B 193 -10.36 16.64 -4.32
C PHE B 193 -9.97 18.05 -4.92
N PRO B 194 -10.95 18.75 -5.55
CA PRO B 194 -10.64 19.94 -6.36
C PRO B 194 -10.45 21.25 -5.59
N GLU B 195 -10.51 21.18 -4.27
CA GLU B 195 -10.06 22.28 -3.46
C GLU B 195 -9.57 21.84 -2.07
N LYS B 196 -8.95 22.81 -1.41
CA LYS B 196 -8.52 22.67 -0.04
C LYS B 196 -9.76 22.67 0.81
N ILE B 197 -9.81 21.83 1.84
CA ILE B 197 -10.99 21.65 2.63
C ILE B 197 -10.61 21.79 4.10
N ASN B 198 -11.09 22.86 4.73
CA ASN B 198 -10.72 23.25 6.06
C ASN B 198 -9.25 23.13 6.31
N GLY B 199 -8.47 23.70 5.41
CA GLY B 199 -7.02 23.71 5.59
C GLY B 199 -6.21 22.47 5.18
N LYS B 200 -6.83 21.50 4.50
CA LYS B 200 -6.06 20.32 3.97
C LYS B 200 -6.56 19.96 2.57
N TYR B 201 -5.66 19.46 1.71
CA TYR B 201 -6.06 18.73 0.53
C TYR B 201 -6.39 17.28 0.88
N TYR B 202 -7.23 16.66 0.06
CA TYR B 202 -7.59 15.29 0.25
C TYR B 202 -7.49 14.57 -1.06
N ALA B 203 -7.25 13.26 -0.96
CA ALA B 203 -7.46 12.41 -2.13
C ALA B 203 -8.07 11.07 -1.73
N LEU B 204 -8.98 10.60 -2.56
CA LEU B 204 -9.40 9.23 -2.52
C LEU B 204 -8.26 8.33 -3.08
N HIS B 205 -8.17 7.10 -2.58
CA HIS B 205 -7.28 6.10 -3.15
C HIS B 205 -7.85 4.75 -2.88
N ARG B 206 -7.09 3.69 -3.22
CA ARG B 206 -7.67 2.35 -3.23
C ARG B 206 -6.55 1.28 -3.10
N PRO B 207 -6.10 1.04 -1.89
CA PRO B 207 -5.07 0.03 -1.65
C PRO B 207 -5.53 -1.35 -2.06
N SER B 208 -4.68 -2.14 -2.74
CA SER B 208 -4.93 -3.58 -2.92
C SER B 208 -4.09 -4.29 -1.93
N LEU B 209 -4.67 -5.30 -1.30
CA LEU B 209 -4.12 -5.84 -0.09
C LEU B 209 -3.85 -7.31 -0.27
N LYS B 210 -2.61 -7.70 0.00
CA LYS B 210 -2.20 -9.08 -0.16
C LYS B 210 -2.78 -10.00 0.94
N SER B 211 -2.60 -9.62 2.19
CA SER B 211 -2.88 -10.47 3.34
C SER B 211 -4.28 -10.45 3.88
N ILE B 212 -4.80 -9.25 4.08
CA ILE B 212 -6.11 -9.09 4.68
C ILE B 212 -6.60 -7.73 4.25
N GLY B 213 -7.91 -7.67 3.97
CA GLY B 213 -8.58 -6.45 3.60
C GLY B 213 -9.15 -6.58 2.19
N ASN B 214 -10.28 -5.96 1.97
CA ASN B 214 -10.88 -5.97 0.67
C ASN B 214 -10.42 -4.81 -0.19
N LEU B 215 -10.84 -4.83 -1.44
CA LEU B 215 -10.55 -3.75 -2.40
C LEU B 215 -11.50 -2.57 -2.19
N ASP B 216 -11.16 -1.77 -1.18
CA ASP B 216 -11.97 -0.68 -0.63
C ASP B 216 -11.32 0.69 -0.89
N ILE B 217 -12.16 1.68 -1.12
CA ILE B 217 -11.76 3.08 -1.23
C ILE B 217 -11.34 3.63 0.12
N TRP B 218 -10.18 4.26 0.14
CA TRP B 218 -9.61 4.93 1.32
C TRP B 218 -9.55 6.42 0.95
N ILE B 219 -9.25 7.21 1.96
CA ILE B 219 -8.99 8.64 1.76
C ILE B 219 -7.77 9.02 2.54
N ALA B 220 -7.10 10.06 2.09
CA ALA B 220 -5.92 10.57 2.77
C ALA B 220 -5.91 12.06 2.68
N SER B 221 -5.23 12.69 3.64
CA SER B 221 -5.07 14.14 3.54
C SER B 221 -3.68 14.51 3.18
N SER B 222 -3.50 15.80 2.88
CA SER B 222 -2.19 16.32 2.40
C SER B 222 -2.03 17.82 2.61
N PRO B 223 -0.80 18.29 2.97
CA PRO B 223 -0.59 19.74 3.15
C PRO B 223 -0.29 20.41 1.83
N ASP B 224 0.15 19.65 0.82
CA ASP B 224 0.75 20.20 -0.40
C ASP B 224 0.53 19.44 -1.72
N LEU B 225 -0.30 18.39 -1.69
CA LEU B 225 -0.48 17.54 -2.83
C LEU B 225 0.81 16.92 -3.40
N ARG B 226 1.75 16.66 -2.50
CA ARG B 226 2.94 15.82 -2.79
C ARG B 226 3.12 14.64 -1.81
N SER B 227 2.78 14.88 -0.55
CA SER B 227 2.86 13.91 0.52
C SER B 227 1.44 13.74 1.08
N PHE B 228 1.07 12.51 1.39
CA PHE B 228 -0.24 12.17 1.93
C PHE B 228 -0.11 11.38 3.21
N GLY B 229 -1.07 11.55 4.10
CA GLY B 229 -1.15 10.67 5.26
C GLY B 229 -2.52 10.73 5.88
N ASP B 230 -2.56 10.41 7.15
CA ASP B 230 -3.85 10.25 7.84
C ASP B 230 -4.84 9.37 7.07
N HIS B 231 -4.35 8.18 6.73
CA HIS B 231 -5.02 7.29 5.82
C HIS B 231 -6.20 6.72 6.51
N ARG B 232 -7.37 6.77 5.85
CA ARG B 232 -8.60 6.21 6.46
C ARG B 232 -9.43 5.42 5.48
N HIS B 233 -10.09 4.41 6.01
CA HIS B 233 -11.01 3.60 5.21
C HIS B 233 -12.25 4.44 4.96
N LEU B 234 -12.77 4.42 3.75
CA LEU B 234 -13.97 5.25 3.37
C LEU B 234 -15.17 4.43 2.89
N LEU B 235 -15.01 3.63 1.81
CA LEU B 235 -16.11 2.84 1.25
C LEU B 235 -15.71 1.40 1.03
N GLY B 236 -16.43 0.50 1.71
CA GLY B 236 -16.17 -0.89 1.59
C GLY B 236 -17.01 -1.60 0.57
N ILE B 237 -16.53 -2.78 0.14
CA ILE B 237 -17.32 -3.65 -0.70
C ILE B 237 -18.62 -4.08 0.04
N ARG B 238 -19.65 -4.55 -0.68
CA ARG B 238 -20.96 -4.98 -0.06
C ARG B 238 -21.41 -6.24 -0.67
N PRO B 239 -21.34 -7.36 0.09
CA PRO B 239 -21.76 -8.66 -0.44
C PRO B 239 -23.15 -8.67 -1.00
N GLY B 240 -23.33 -9.36 -2.11
CA GLY B 240 -24.60 -9.41 -2.77
C GLY B 240 -24.98 -8.18 -3.54
N GLU B 241 -24.20 -7.09 -3.54
CA GLU B 241 -24.56 -5.88 -4.26
C GLU B 241 -23.71 -5.73 -5.51
N TYR B 242 -23.94 -4.65 -6.27
CA TYR B 242 -23.21 -4.42 -7.50
C TYR B 242 -21.71 -4.18 -7.21
N ASP B 243 -21.37 -3.78 -5.99
CA ASP B 243 -19.99 -3.56 -5.59
C ASP B 243 -19.49 -4.62 -4.57
N SER B 244 -19.86 -5.85 -4.84
CA SER B 244 -19.50 -6.95 -3.96
C SER B 244 -18.06 -7.40 -4.08
N GLY B 245 -17.44 -7.18 -5.25
CA GLY B 245 -16.07 -7.64 -5.56
C GLY B 245 -15.04 -6.54 -5.35
N ARG B 246 -15.34 -5.29 -5.75
CA ARG B 246 -14.43 -4.19 -5.45
C ARG B 246 -15.07 -2.83 -5.68
N VAL B 247 -14.47 -1.82 -5.10
CA VAL B 247 -14.85 -0.41 -5.42
C VAL B 247 -13.58 0.37 -5.67
N GLY B 248 -13.72 1.41 -6.48
CA GLY B 248 -12.71 2.42 -6.61
C GLY B 248 -13.20 3.73 -7.11
N GLY B 249 -12.45 4.77 -6.81
CA GLY B 249 -12.75 6.13 -7.28
C GLY B 249 -12.83 6.18 -8.79
N GLY B 250 -13.75 7.03 -9.29
CA GLY B 250 -14.03 7.16 -10.70
C GLY B 250 -13.71 8.57 -11.11
N CYS B 251 -14.70 9.45 -11.00
CA CYS B 251 -14.58 10.91 -11.30
C CYS B 251 -14.04 11.71 -10.14
N VAL B 252 -13.59 12.90 -10.43
CA VAL B 252 -13.17 13.79 -9.38
C VAL B 252 -14.38 14.10 -8.47
N PRO B 253 -14.17 14.20 -7.15
CA PRO B 253 -15.28 14.66 -6.28
C PRO B 253 -15.91 15.96 -6.73
N ILE B 254 -17.24 15.98 -6.67
CA ILE B 254 -18.06 17.13 -7.17
C ILE B 254 -18.67 17.91 -6.00
N LYS B 255 -18.31 19.19 -5.85
CA LYS B 255 -18.87 19.95 -4.74
C LYS B 255 -20.36 20.21 -4.99
N THR B 256 -21.19 19.79 -4.05
CA THR B 256 -22.61 20.14 -4.06
C THR B 256 -22.96 20.76 -2.69
N GLU B 257 -24.15 21.30 -2.64
CA GLU B 257 -24.67 21.90 -1.42
C GLU B 257 -24.89 20.81 -0.35
N GLU B 258 -25.17 19.57 -0.74
CA GLU B 258 -25.41 18.49 0.21
C GLU B 258 -24.15 17.72 0.65
N GLY B 259 -23.01 18.08 0.10
CA GLY B 259 -21.77 17.32 0.27
C GLY B 259 -20.93 17.17 -1.01
N TRP B 260 -19.85 16.39 -0.85
CA TRP B 260 -19.00 15.92 -1.96
C TRP B 260 -19.62 14.64 -2.56
N LEU B 261 -19.99 14.78 -3.83
CA LEU B 261 -20.61 13.75 -4.59
C LEU B 261 -19.45 13.00 -5.33
N ILE B 262 -19.38 11.72 -5.00
CA ILE B 262 -18.41 10.73 -5.42
C ILE B 262 -19.01 9.74 -6.37
N LEU B 263 -18.61 9.80 -7.63
CA LEU B 263 -19.06 8.88 -8.60
C LEU B 263 -17.94 7.84 -8.75
N TYR B 264 -18.20 6.65 -8.29
CA TYR B 264 -17.18 5.61 -8.10
C TYR B 264 -17.58 4.37 -8.89
N HIS B 265 -16.60 3.53 -9.20
CA HIS B 265 -16.94 2.26 -9.85
C HIS B 265 -17.05 1.18 -8.91
N GLY B 266 -17.89 0.21 -9.22
CA GLY B 266 -18.04 -0.99 -8.42
C GLY B 266 -18.06 -2.16 -9.36
N ALA B 267 -17.49 -3.32 -8.95
CA ALA B 267 -17.55 -4.53 -9.72
C ALA B 267 -17.91 -5.70 -8.85
N THR B 268 -18.57 -6.70 -9.45
CA THR B 268 -18.83 -7.99 -8.80
C THR B 268 -17.63 -8.83 -9.04
N GLU B 269 -17.64 -9.99 -8.39
CA GLU B 269 -16.55 -10.94 -8.55
C GLU B 269 -16.50 -11.50 -9.97
N GLU B 270 -17.60 -11.45 -10.69
CA GLU B 270 -17.58 -11.75 -12.13
C GLU B 270 -17.09 -10.60 -13.01
N ASN B 271 -16.62 -9.51 -12.42
CA ASN B 271 -16.00 -8.43 -13.19
C ASN B 271 -16.95 -7.67 -14.10
N ARG B 272 -18.21 -7.59 -13.70
CA ARG B 272 -19.09 -6.62 -14.30
C ARG B 272 -18.94 -5.28 -13.58
N TYR B 273 -18.63 -4.21 -14.34
CA TYR B 273 -18.34 -2.93 -13.75
C TYR B 273 -19.52 -1.96 -13.97
N VAL B 274 -19.97 -1.30 -12.88
CA VAL B 274 -20.94 -0.25 -12.93
C VAL B 274 -20.45 1.02 -12.25
N MET B 275 -21.15 2.14 -12.48
CA MET B 275 -20.95 3.37 -11.64
C MET B 275 -22.04 3.48 -10.56
N GLY B 276 -21.58 3.80 -9.36
CA GLY B 276 -22.38 4.17 -8.12
C GLY B 276 -22.10 5.56 -7.65
N ALA B 277 -22.74 5.99 -6.56
CA ALA B 277 -22.46 7.30 -6.01
C ALA B 277 -22.45 7.22 -4.53
N ALA B 278 -21.66 8.09 -3.93
CA ALA B 278 -21.66 8.25 -2.53
C ALA B 278 -21.62 9.73 -2.30
N LEU B 279 -21.95 10.10 -1.07
CA LEU B 279 -22.01 11.50 -0.69
C LEU B 279 -21.26 11.67 0.61
N LEU B 280 -20.27 12.54 0.62
CA LEU B 280 -19.47 12.74 1.79
C LEU B 280 -19.78 14.15 2.38
N ASP B 281 -19.53 14.27 3.67
CA ASP B 281 -19.57 15.57 4.37
C ASP B 281 -18.67 16.62 3.79
N LEU B 282 -19.23 17.78 3.61
CA LEU B 282 -18.64 18.87 2.88
C LEU B 282 -17.41 19.44 3.54
N ASN B 283 -17.44 19.40 4.87
CA ASN B 283 -16.40 19.95 5.70
C ASN B 283 -15.40 18.93 6.19
N ASP B 284 -15.81 17.69 6.35
CA ASP B 284 -14.93 16.59 6.68
C ASP B 284 -15.26 15.39 5.75
N PRO B 285 -14.56 15.30 4.58
CA PRO B 285 -14.88 14.31 3.61
C PRO B 285 -14.54 12.87 4.03
N THR B 286 -13.97 12.68 5.21
CA THR B 286 -13.81 11.35 5.76
C THR B 286 -15.12 10.74 6.26
N ILE B 287 -16.18 11.51 6.35
CA ILE B 287 -17.48 11.00 6.75
C ILE B 287 -18.40 10.74 5.54
N VAL B 288 -18.92 9.51 5.45
CA VAL B 288 -19.87 9.09 4.43
C VAL B 288 -21.28 9.40 4.89
N LEU B 289 -22.00 10.21 4.16
CA LEU B 289 -23.43 10.50 4.52
C LEU B 289 -24.38 9.56 3.86
N LYS B 290 -24.20 9.27 2.57
CA LYS B 290 -25.13 8.38 1.87
C LYS B 290 -24.37 7.58 0.79
N ARG B 291 -24.98 6.48 0.40
CA ARG B 291 -24.52 5.70 -0.73
C ARG B 291 -25.65 5.08 -1.48
N THR B 292 -25.56 5.03 -2.81
CA THR B 292 -26.55 4.30 -3.62
C THR B 292 -26.60 2.81 -3.34
N LYS B 293 -27.84 2.26 -3.50
CA LYS B 293 -28.11 0.83 -3.48
C LYS B 293 -28.18 0.24 -4.86
N THR B 294 -28.34 1.05 -5.92
CA THR B 294 -28.33 0.51 -7.31
C THR B 294 -27.45 1.44 -8.10
N PRO B 295 -27.08 1.00 -9.31
CA PRO B 295 -26.16 1.83 -10.07
C PRO B 295 -26.76 3.12 -10.60
N ILE B 296 -25.91 4.06 -10.89
CA ILE B 296 -26.28 5.18 -11.70
C ILE B 296 -26.02 5.00 -13.20
N LEU B 297 -25.14 4.08 -13.57
CA LEU B 297 -24.74 3.78 -14.99
C LEU B 297 -24.24 2.33 -15.01
N GLU B 298 -24.78 1.51 -15.89
CA GLU B 298 -24.42 0.15 -16.00
C GLU B 298 -24.20 -0.12 -17.47
N PRO B 299 -23.52 -1.24 -17.78
CA PRO B 299 -23.33 -1.59 -19.22
C PRO B 299 -24.63 -2.14 -19.78
N VAL B 300 -25.19 -1.45 -20.77
CA VAL B 300 -26.49 -1.85 -21.33
C VAL B 300 -26.35 -1.81 -22.85
N ALA B 301 -25.81 -0.73 -23.41
CA ALA B 301 -25.66 -0.65 -24.87
C ALA B 301 -24.62 -1.69 -25.35
N ASP B 302 -24.65 -1.96 -26.63
CA ASP B 302 -23.80 -2.99 -27.20
C ASP B 302 -22.26 -2.67 -27.08
N TYR B 303 -21.86 -1.42 -27.24
CA TYR B 303 -20.48 -0.97 -27.06
C TYR B 303 -20.02 -0.99 -25.57
N GLU B 304 -20.99 -1.03 -24.62
CA GLU B 304 -20.68 -1.20 -23.20
C GLU B 304 -20.50 -2.69 -22.82
N LYS B 305 -21.24 -3.57 -23.46
CA LYS B 305 -21.22 -4.96 -23.09
C LYS B 305 -20.11 -5.76 -23.81
N ASN B 306 -19.81 -5.36 -25.04
CA ASN B 306 -18.93 -6.16 -25.96
C ASN B 306 -17.68 -5.39 -26.31
N GLY B 307 -16.54 -6.06 -26.12
CA GLY B 307 -15.24 -5.55 -26.59
C GLY B 307 -14.11 -6.44 -25.97
N PHE B 308 -12.96 -5.85 -25.77
CA PHE B 308 -11.77 -6.55 -25.27
C PHE B 308 -12.00 -7.17 -23.88
N PHE B 309 -12.69 -6.44 -22.99
CA PHE B 309 -13.09 -6.97 -21.68
C PHE B 309 -14.52 -6.47 -21.42
N GLY B 310 -15.51 -7.34 -21.64
CA GLY B 310 -16.93 -6.93 -21.77
C GLY B 310 -17.57 -6.57 -20.43
N ASP B 311 -18.72 -5.92 -20.52
CA ASP B 311 -19.53 -5.59 -19.36
C ASP B 311 -18.85 -4.64 -18.40
N VAL B 312 -18.17 -3.68 -18.98
CA VAL B 312 -17.51 -2.63 -18.26
C VAL B 312 -17.94 -1.21 -18.69
N VAL B 313 -18.36 -0.41 -17.71
CA VAL B 313 -18.33 1.07 -17.81
C VAL B 313 -17.42 1.55 -16.72
N PHE B 314 -16.55 2.51 -17.03
CA PHE B 314 -15.52 2.86 -16.06
C PHE B 314 -15.25 4.34 -16.27
N ALA B 315 -15.93 5.20 -15.49
CA ALA B 315 -15.80 6.61 -15.72
C ALA B 315 -14.65 7.18 -14.95
N CYS B 316 -13.72 7.88 -15.63
CA CYS B 316 -12.57 8.51 -14.99
C CYS B 316 -12.62 10.03 -14.96
N GLY B 317 -13.73 10.62 -15.43
CA GLY B 317 -13.86 12.05 -15.42
C GLY B 317 -15.22 12.52 -15.93
N ALA B 318 -15.54 13.75 -15.57
CA ALA B 318 -16.80 14.38 -15.92
C ALA B 318 -16.66 15.89 -15.86
N ILE B 319 -17.41 16.58 -16.72
CA ILE B 319 -17.46 18.07 -16.70
C ILE B 319 -18.83 18.49 -16.21
N GLN B 320 -18.86 19.39 -15.22
CA GLN B 320 -20.10 19.96 -14.69
C GLN B 320 -20.46 21.21 -15.50
N GLU B 321 -21.72 21.33 -15.90
CA GLU B 321 -22.24 22.59 -16.52
C GLU B 321 -23.57 22.82 -15.81
N GLY B 322 -23.54 23.55 -14.69
CA GLY B 322 -24.73 23.70 -13.88
C GLY B 322 -25.16 22.38 -13.27
N ASP B 323 -26.42 22.00 -13.45
CA ASP B 323 -26.95 20.74 -12.93
C ASP B 323 -26.58 19.51 -13.84
N THR B 324 -26.12 19.79 -15.06
CA THR B 324 -25.72 18.78 -16.03
C THR B 324 -24.31 18.29 -15.84
N LEU B 325 -24.16 16.97 -15.76
CA LEU B 325 -22.81 16.38 -15.76
C LEU B 325 -22.55 15.72 -17.12
N HIS B 326 -21.54 16.15 -17.82
CA HIS B 326 -21.07 15.47 -19.02
C HIS B 326 -19.99 14.41 -18.59
N MET B 327 -20.39 13.15 -18.51
CA MET B 327 -19.58 12.06 -18.06
C MET B 327 -18.94 11.32 -19.25
N TYR B 328 -17.63 11.14 -19.19
CA TYR B 328 -16.87 10.28 -20.13
C TYR B 328 -16.40 9.02 -19.43
N TYR B 329 -16.52 7.92 -20.15
CA TYR B 329 -16.31 6.62 -19.59
C TYR B 329 -15.71 5.64 -20.59
N GLY B 330 -14.77 4.82 -20.11
CA GLY B 330 -14.27 3.69 -20.87
C GLY B 330 -15.36 2.68 -20.95
N VAL B 331 -15.43 2.04 -22.09
CA VAL B 331 -16.35 0.95 -22.27
C VAL B 331 -15.63 -0.30 -22.77
N ALA B 332 -15.86 -1.39 -22.07
CA ALA B 332 -15.37 -2.70 -22.42
C ALA B 332 -13.81 -2.72 -22.55
N ASP B 333 -13.12 -1.79 -21.85
CA ASP B 333 -11.67 -1.63 -21.93
C ASP B 333 -11.25 -1.47 -23.37
N THR B 334 -12.14 -0.90 -24.19
CA THR B 334 -11.94 -0.74 -25.67
C THR B 334 -11.99 0.66 -26.14
N SER B 335 -13.04 1.37 -25.74
CA SER B 335 -13.35 2.66 -26.36
C SER B 335 -13.81 3.65 -25.32
N MET B 336 -13.99 4.86 -25.76
CA MET B 336 -14.53 5.96 -24.96
C MET B 336 -16.00 6.23 -25.36
N ALA B 337 -16.84 6.46 -24.35
CA ALA B 337 -18.23 6.87 -24.54
C ALA B 337 -18.52 8.11 -23.72
N GLY B 338 -19.63 8.78 -24.07
CA GLY B 338 -20.12 10.02 -23.43
C GLY B 338 -21.55 9.86 -23.04
N CYS B 339 -21.91 10.40 -21.87
CA CYS B 339 -23.30 10.55 -21.51
C CYS B 339 -23.56 11.83 -20.68
N ASP B 340 -24.82 12.27 -20.70
CA ASP B 340 -25.26 13.39 -19.81
C ASP B 340 -26.16 12.87 -18.76
N MET B 341 -25.91 13.39 -17.54
CA MET B 341 -26.80 13.15 -16.43
C MET B 341 -27.04 14.42 -15.60
N LYS B 342 -28.05 14.34 -14.75
CA LYS B 342 -28.35 15.42 -13.81
C LYS B 342 -27.81 15.10 -12.41
N ILE B 343 -27.02 16.01 -11.89
CA ILE B 343 -26.58 15.96 -10.49
C ILE B 343 -27.75 15.86 -9.52
N SER B 344 -28.76 16.69 -9.78
CA SER B 344 -29.99 16.61 -8.97
C SER B 344 -30.54 15.19 -8.97
N GLU B 345 -30.58 14.55 -10.12
CA GLU B 345 -31.12 13.16 -10.12
C GLU B 345 -30.20 12.21 -9.33
N ILE B 346 -28.87 12.43 -9.38
CA ILE B 346 -28.00 11.52 -8.56
C ILE B 346 -28.26 11.74 -7.07
N LEU B 347 -28.33 13.03 -6.70
CA LEU B 347 -28.65 13.41 -5.28
C LEU B 347 -29.95 12.83 -4.82
N HIS B 348 -30.96 12.93 -5.68
CA HIS B 348 -32.25 12.37 -5.38
C HIS B 348 -32.17 10.88 -5.17
N GLN B 349 -31.48 10.17 -6.08
CA GLN B 349 -31.35 8.74 -5.89
C GLN B 349 -30.61 8.37 -4.57
N LEU B 350 -29.61 9.17 -4.23
CA LEU B 350 -28.90 8.98 -2.96
C LEU B 350 -29.87 9.14 -1.76
N GLU B 351 -30.66 10.20 -1.80
CA GLU B 351 -31.71 10.44 -0.79
C GLU B 351 -32.68 9.27 -0.69
N VAL B 352 -33.24 8.86 -1.80
CA VAL B 352 -34.22 7.77 -1.79
C VAL B 352 -33.69 6.43 -1.30
N GLU B 353 -32.54 6.03 -1.81
CA GLU B 353 -32.02 4.68 -1.51
C GLU B 353 -31.35 4.57 -0.14
N ALA B 354 -30.75 5.66 0.30
CA ALA B 354 -30.20 5.72 1.68
C ALA B 354 -31.34 5.49 2.69
N LYS B 355 -32.53 6.04 2.40
CA LYS B 355 -33.84 5.91 3.12
C LYS B 355 -33.99 7.12 4.01
C1 MAN C . 3.41 -13.21 7.50
C2 MAN C . 3.50 -11.70 7.78
C3 MAN C . 4.32 -10.97 6.73
C4 MAN C . 5.73 -11.65 6.48
C5 MAN C . 5.70 -13.19 6.59
C6 MAN C . 6.39 -13.61 7.86
O1 MAN C . 2.28 -13.49 6.68
O2 MAN C . 3.83 -11.72 9.09
O3 MAN C . 4.46 -9.69 7.44
O4 MAN C . 6.55 -11.47 5.29
O5 MAN C . 4.42 -13.77 6.71
O6 MAN C . 7.31 -14.68 7.75
C1 BMA C . 3.18 -11.72 10.31
C2 BMA C . 4.09 -11.56 11.51
C3 BMA C . 3.25 -11.66 12.76
C4 BMA C . 2.15 -10.63 12.71
C5 BMA C . 1.40 -10.61 11.38
C6 BMA C . 0.55 -9.38 11.16
O2 BMA C . 5.04 -10.66 11.47
O3 BMA C . 4.13 -11.55 13.92
O4 BMA C . 1.24 -10.85 13.77
O5 BMA C . 2.28 -10.57 10.29
O6 BMA C . 1.33 -8.15 11.15
C1 BMA C . 6.33 -10.56 10.81
C2 BMA C . 7.23 -9.47 11.39
C3 BMA C . 7.44 -9.76 12.89
C4 BMA C . 7.66 -11.23 13.25
C5 BMA C . 7.97 -12.03 11.95
C6 BMA C . 8.02 -13.54 12.10
O2 BMA C . 6.58 -8.26 11.11
O3 BMA C . 6.34 -9.16 13.60
O4 BMA C . 8.68 -11.33 14.20
O5 BMA C . 6.95 -11.84 10.94
O6 BMA C . 6.93 -14.09 12.75
C1 MAN D . -6.85 -6.89 -12.04
C2 MAN D . -6.48 -5.35 -11.91
C3 MAN D . -6.88 -5.05 -10.42
C4 MAN D . -8.44 -5.24 -10.21
C5 MAN D . -9.00 -6.48 -10.93
C6 MAN D . -9.77 -6.08 -12.22
O1 MAN D . -5.90 -7.86 -11.52
O2 MAN D . -6.87 -4.26 -12.78
O3 MAN D . -6.47 -3.66 -10.43
O4 MAN D . -9.25 -5.22 -8.97
O5 MAN D . -7.98 -7.34 -11.35
O6 MAN D . -11.07 -6.64 -12.46
C1 BMA D . -6.02 -4.49 -13.96
C2 BMA D . -6.77 -3.74 -15.04
C3 BMA D . -5.90 -3.47 -16.21
C4 BMA D . -4.52 -2.98 -15.82
C5 BMA D . -3.93 -3.74 -14.68
C6 BMA D . -2.70 -3.13 -14.08
O2 BMA D . -7.29 -2.55 -14.49
O3 BMA D . -6.59 -2.55 -17.02
O4 BMA D . -3.68 -3.09 -16.98
O5 BMA D . -4.80 -3.88 -13.59
O6 BMA D . -2.95 -1.87 -13.49
C1 BMA D . -8.39 -2.61 -13.64
C2 BMA D . -8.72 -1.40 -13.66
C3 BMA D . -9.06 -0.60 -15.04
C4 BMA D . -9.83 -1.46 -15.99
C5 BMA D . -10.46 -2.54 -15.17
C6 BMA D . -11.10 -3.67 -15.89
O2 BMA D . -7.91 -0.19 -13.00
O3 BMA D . -7.92 0.00 -15.67
O4 BMA D . -10.83 -0.76 -16.82
O5 BMA D . -9.51 -3.21 -14.30
O6 BMA D . -10.22 -4.26 -16.85
S SO4 E . 8.43 -8.85 7.81
O1 SO4 E . 7.25 -8.95 6.96
O2 SO4 E . 9.57 -8.48 6.95
O3 SO4 E . 8.17 -7.71 8.77
O4 SO4 E . 8.66 -10.07 8.61
S SO4 F . 11.37 19.05 19.93
O1 SO4 F . 11.08 20.48 19.75
O2 SO4 F . 11.36 18.46 18.52
O3 SO4 F . 12.67 18.83 20.61
O4 SO4 F . 10.36 18.46 20.83
S SO4 G . 22.98 -21.24 24.02
O1 SO4 G . 23.80 -20.35 23.18
O2 SO4 G . 22.09 -22.03 23.18
O3 SO4 G . 23.85 -22.22 24.72
O4 SO4 G . 22.22 -20.41 25.03
S SO4 H . 3.09 -8.30 35.70
O1 SO4 H . 3.92 -7.09 35.87
O2 SO4 H . 3.22 -8.74 34.24
O3 SO4 H . 3.55 -9.42 36.56
O4 SO4 H . 1.67 -7.91 35.97
S SO4 I . 0.70 17.82 15.54
O1 SO4 I . 1.72 18.90 15.52
O2 SO4 I . 0.76 17.06 14.24
O3 SO4 I . 0.95 17.00 16.75
O4 SO4 I . -0.68 18.42 15.56
O1 MES J . -7.17 -3.11 28.54
C2 MES J . -8.30 -3.40 27.72
C3 MES J . -9.21 -4.40 28.44
N4 MES J . -8.50 -5.67 28.81
C5 MES J . -7.61 -5.21 29.91
C6 MES J . -6.63 -4.28 29.19
C7 MES J . -9.52 -6.69 29.16
C8 MES J . -9.09 -7.64 30.28
S MES J . -10.27 -8.85 30.59
O1S MES J . -9.82 -10.30 30.84
O2S MES J . -11.14 -9.09 29.34
O3S MES J . -10.78 -8.42 32.02
S SO4 K . -3.13 8.82 -35.59
O1 SO4 K . -3.68 8.32 -36.88
O2 SO4 K . -1.65 9.05 -35.62
O3 SO4 K . -3.62 10.17 -35.33
O4 SO4 K . -3.59 7.84 -34.55
S SO4 L . -10.16 -1.46 -10.20
O1 SO4 L . -9.49 -0.20 -10.55
O2 SO4 L . -10.65 -2.12 -11.39
O3 SO4 L . -11.18 -1.13 -9.18
O4 SO4 L . -9.15 -2.36 -9.56
S SO4 M . 6.87 21.49 -6.88
O1 SO4 M . 5.82 22.48 -7.20
O2 SO4 M . 7.35 20.91 -8.19
O3 SO4 M . 6.26 20.48 -5.97
O4 SO4 M . 7.98 22.17 -6.14
S SO4 N . -9.73 -16.97 -12.79
O1 SO4 N . -9.58 -15.45 -12.79
O2 SO4 N . -8.99 -17.52 -14.03
O3 SO4 N . -9.24 -17.55 -11.48
O4 SO4 N . -11.21 -17.34 -12.94
C1 GOL O . -18.45 1.42 5.64
O1 GOL O . -17.82 0.13 5.65
C2 GOL O . -19.23 1.51 4.34
O2 GOL O . -18.43 0.91 3.35
C3 GOL O . -19.55 2.93 3.87
O3 GOL O . -20.57 2.91 2.79
C1 GOL P . -5.72 10.87 13.40
O1 GOL P . -6.35 10.42 12.22
C2 GOL P . -5.76 12.38 13.31
O2 GOL P . -5.95 12.80 14.63
C3 GOL P . -4.46 12.93 12.74
O3 GOL P . -4.28 14.25 13.23
O1 MES Q . -1.64 23.21 -4.97
C2 MES Q . -2.87 23.36 -5.69
C3 MES Q . -2.63 24.22 -6.94
N4 MES Q . -2.10 25.54 -6.45
C5 MES Q . -0.82 25.32 -5.68
C6 MES Q . -1.18 24.49 -4.43
C7 MES Q . -1.82 26.47 -7.58
C8 MES Q . -3.07 27.26 -7.89
S MES Q . -2.62 28.27 -9.17
O1S MES Q . -1.95 27.58 -10.35
O2S MES Q . -3.94 28.78 -9.79
O3S MES Q . -1.64 29.25 -8.60
O1 MES R . 7.22 6.89 -28.06
C2 MES R . 7.45 7.10 -29.48
C3 MES R . 7.47 5.79 -30.30
N4 MES R . 8.40 4.85 -29.65
C5 MES R . 7.89 4.68 -28.28
C6 MES R . 8.13 5.97 -27.52
C7 MES R . 8.31 3.51 -30.31
C8 MES R . 8.46 3.61 -31.84
S MES R . 8.94 2.10 -32.51
O1S MES R . 8.71 2.09 -34.04
O2S MES R . 10.38 2.27 -32.05
O3S MES R . 8.36 0.73 -32.07
#